data_1UFQ
#
_entry.id   1UFQ
#
_cell.length_a   84.057
_cell.length_b   94.262
_cell.length_c   156.989
_cell.angle_alpha   90.00
_cell.angle_beta   90.00
_cell.angle_gamma   90.00
#
_symmetry.space_group_name_H-M   'P 21 21 2'
#
loop_
_entity.id
_entity.type
_entity.pdbx_description
1 polymer 'Uridine-cytidine kinase 2'
2 water water
#
_entity_poly.entity_id   1
_entity_poly.type   'polypeptide(L)'
_entity_poly.pdbx_seq_one_letter_code
;PGMAGDSEQTLQNHQQPNGGEPFLIGVSGGTASGKSSVCAKIVQLLGQNEVDYRQKQVVILSQDSFYRVLTSEQKAKALK
GQFNFDHPDAFDNELILKTLKEITEGKTVQIPVYDFVSHSRKEETVTVYPADVVLFEGILAFYSQEVRDLFQMKLFVDTD
ADTRLSRRVLRDISERGRDLEQILSQYITFVKPAFEEFCLPTKKYADVIIPRGADNLVAINLIVQHIQDILNGGPSKRQT
NGCLNGYTPSRK
;
_entity_poly.pdbx_strand_id   A,B,C,D
#
# COMPACT_ATOMS: atom_id res chain seq x y z
N GLU A 21 11.32 36.25 12.24
CA GLU A 21 10.86 35.64 10.95
C GLU A 21 9.69 34.68 11.20
N PRO A 22 8.64 34.73 10.37
CA PRO A 22 7.45 33.88 10.47
C PRO A 22 7.73 32.38 10.38
N PHE A 23 6.95 31.60 11.13
CA PHE A 23 7.08 30.14 11.14
C PHE A 23 6.09 29.58 10.10
N LEU A 24 6.63 28.96 9.05
CA LEU A 24 5.83 28.41 7.96
C LEU A 24 5.53 26.93 8.08
N ILE A 25 4.24 26.61 8.15
CA ILE A 25 3.82 25.22 8.25
C ILE A 25 3.14 24.74 6.97
N GLY A 26 3.77 23.81 6.27
CA GLY A 26 3.19 23.27 5.05
C GLY A 26 2.25 22.12 5.38
N VAL A 27 1.06 22.11 4.77
CA VAL A 27 0.11 21.05 5.04
C VAL A 27 -0.39 20.46 3.74
N SER A 28 -0.28 19.14 3.61
CA SER A 28 -0.76 18.50 2.41
C SER A 28 -1.56 17.25 2.68
N GLY A 29 -1.91 16.59 1.58
CA GLY A 29 -2.73 15.39 1.62
C GLY A 29 -3.70 15.50 0.46
N GLY A 30 -4.42 14.42 0.18
CA GLY A 30 -5.37 14.45 -0.91
C GLY A 30 -6.56 15.33 -0.57
N THR A 31 -7.36 15.67 -1.59
CA THR A 31 -8.55 16.48 -1.36
C THR A 31 -9.55 15.67 -0.52
N ALA A 32 -10.24 16.34 0.37
CA ALA A 32 -11.22 15.70 1.25
C ALA A 32 -10.55 14.79 2.26
N SER A 33 -9.24 14.95 2.41
CA SER A 33 -8.48 14.15 3.37
C SER A 33 -8.65 14.72 4.77
N GLY A 34 -8.90 16.03 4.84
CA GLY A 34 -9.04 16.71 6.11
C GLY A 34 -8.04 17.84 6.30
N LYS A 35 -7.16 18.05 5.34
CA LYS A 35 -6.17 19.10 5.47
C LYS A 35 -6.80 20.47 5.68
N SER A 36 -7.92 20.75 4.98
CA SER A 36 -8.59 22.04 5.10
C SER A 36 -9.28 22.21 6.44
N SER A 37 -9.98 21.17 6.88
CA SER A 37 -10.66 21.26 8.15
C SER A 37 -9.67 21.17 9.31
N VAL A 38 -8.56 20.48 9.11
CA VAL A 38 -7.54 20.37 10.16
C VAL A 38 -6.99 21.77 10.41
N CYS A 39 -6.73 22.52 9.34
CA CYS A 39 -6.23 23.88 9.47
C CYS A 39 -7.30 24.80 10.05
N ALA A 40 -8.54 24.63 9.57
CA ALA A 40 -9.65 25.42 10.06
C ALA A 40 -9.79 25.21 11.57
N LYS A 41 -9.80 23.95 12.00
CA LYS A 41 -9.95 23.66 13.42
C LYS A 41 -8.76 24.23 14.23
N ILE A 42 -7.54 24.09 13.72
CA ILE A 42 -6.36 24.61 14.41
C ILE A 42 -6.47 26.10 14.73
N VAL A 43 -6.76 26.91 13.71
CA VAL A 43 -6.88 28.34 13.93
C VAL A 43 -8.06 28.63 14.86
N GLN A 44 -9.11 27.82 14.75
CA GLN A 44 -10.27 27.99 15.60
C GLN A 44 -9.88 27.83 17.07
N LEU A 45 -9.27 26.69 17.40
CA LEU A 45 -8.87 26.44 18.78
C LEU A 45 -7.87 27.51 19.29
N LEU A 46 -7.17 28.16 18.36
CA LEU A 46 -6.23 29.19 18.72
C LEU A 46 -6.92 30.55 18.85
N GLY A 47 -8.25 30.51 18.88
CA GLY A 47 -9.06 31.70 19.02
C GLY A 47 -8.91 32.76 17.93
N GLN A 48 -8.03 32.52 16.97
CA GLN A 48 -7.78 33.47 15.87
C GLN A 48 -9.03 33.94 15.14
N ASN A 49 -10.13 33.23 15.34
CA ASN A 49 -11.38 33.56 14.69
C ASN A 49 -12.04 34.81 15.26
N GLU A 50 -11.76 35.12 16.54
CA GLU A 50 -12.32 36.31 17.18
C GLU A 50 -11.37 37.50 17.05
N VAL A 51 -10.22 37.26 16.42
CA VAL A 51 -9.22 38.30 16.23
C VAL A 51 -9.42 39.06 14.91
N ASP A 52 -9.17 40.37 14.94
CA ASP A 52 -9.32 41.23 13.75
C ASP A 52 -8.34 40.84 12.64
N TYR A 53 -8.85 40.76 11.41
CA TYR A 53 -8.04 40.40 10.25
C TYR A 53 -6.67 41.07 10.15
N ARG A 54 -6.44 42.09 10.97
CA ARG A 54 -5.16 42.79 10.97
C ARG A 54 -4.33 42.48 12.21
N GLN A 55 -4.95 41.82 13.18
CA GLN A 55 -4.29 41.46 14.42
C GLN A 55 -4.02 39.95 14.55
N LYS A 56 -4.28 39.19 13.48
CA LYS A 56 -4.07 37.74 13.48
C LYS A 56 -2.60 37.34 13.52
N GLN A 57 -2.29 36.35 14.37
CA GLN A 57 -0.93 35.85 14.49
C GLN A 57 -0.70 34.58 13.65
N VAL A 58 -1.75 33.80 13.42
CA VAL A 58 -1.66 32.59 12.60
C VAL A 58 -2.79 32.54 11.57
N VAL A 59 -2.40 32.52 10.30
CA VAL A 59 -3.34 32.51 9.18
C VAL A 59 -3.19 31.29 8.25
N ILE A 60 -4.17 31.13 7.36
CA ILE A 60 -4.20 30.02 6.42
C ILE A 60 -4.16 30.42 4.95
N LEU A 61 -3.18 29.89 4.23
CA LEU A 61 -3.03 30.12 2.79
C LEU A 61 -3.31 28.81 2.06
N SER A 62 -4.14 28.89 1.01
CA SER A 62 -4.51 27.73 0.21
C SER A 62 -3.86 27.73 -1.16
N GLN A 63 -3.17 26.65 -1.51
CA GLN A 63 -2.51 26.54 -2.81
C GLN A 63 -3.60 26.83 -3.84
N ASP A 64 -4.81 26.55 -3.41
CA ASP A 64 -6.05 26.75 -4.17
C ASP A 64 -6.14 28.15 -4.76
N SER A 65 -5.75 29.13 -3.96
CA SER A 65 -5.81 30.53 -4.33
C SER A 65 -4.82 30.90 -5.43
N PHE A 66 -3.82 30.05 -5.63
CA PHE A 66 -2.80 30.33 -6.60
C PHE A 66 -2.93 29.59 -7.92
N TYR A 67 -4.16 29.29 -8.30
CA TYR A 67 -4.38 28.62 -9.58
C TYR A 67 -3.79 29.54 -10.64
N ARG A 68 -3.08 28.95 -11.59
CA ARG A 68 -2.42 29.69 -12.65
C ARG A 68 -3.35 30.24 -13.74
N VAL A 69 -2.99 31.38 -14.30
CA VAL A 69 -3.77 32.01 -15.38
C VAL A 69 -3.47 31.20 -16.63
N LEU A 70 -4.45 30.42 -17.07
CA LEU A 70 -4.29 29.55 -18.21
C LEU A 70 -4.11 30.20 -19.59
N THR A 71 -3.36 29.52 -20.46
CA THR A 71 -3.13 30.01 -21.81
C THR A 71 -4.42 29.82 -22.61
N SER A 72 -4.39 30.20 -23.89
CA SER A 72 -5.56 30.07 -24.74
C SER A 72 -5.78 28.60 -25.08
N GLU A 73 -4.69 27.85 -25.18
CA GLU A 73 -4.76 26.43 -25.51
C GLU A 73 -5.25 25.61 -24.31
N GLN A 74 -4.96 26.08 -23.11
CA GLN A 74 -5.38 25.36 -21.90
C GLN A 74 -6.84 25.61 -21.53
N LYS A 75 -7.38 26.77 -21.92
CA LYS A 75 -8.79 27.05 -21.64
C LYS A 75 -9.57 26.26 -22.69
N ALA A 76 -8.87 25.88 -23.75
CA ALA A 76 -9.48 25.10 -24.82
C ALA A 76 -9.72 23.72 -24.23
N LYS A 77 -8.70 23.18 -23.57
CA LYS A 77 -8.79 21.88 -22.92
C LYS A 77 -9.76 22.00 -21.75
N ALA A 78 -9.70 23.13 -21.06
CA ALA A 78 -10.59 23.38 -19.93
C ALA A 78 -12.02 23.53 -20.42
N LEU A 79 -12.19 24.09 -21.61
CA LEU A 79 -13.51 24.28 -22.19
C LEU A 79 -14.15 22.93 -22.50
N LYS A 80 -13.32 22.00 -22.99
CA LYS A 80 -13.77 20.64 -23.32
C LYS A 80 -13.71 19.74 -22.08
N GLY A 81 -13.59 20.35 -20.90
CA GLY A 81 -13.51 19.59 -19.67
C GLY A 81 -12.39 18.56 -19.70
N GLN A 82 -11.21 18.99 -20.12
CA GLN A 82 -10.07 18.10 -20.21
C GLN A 82 -8.78 18.61 -19.57
N PHE A 83 -8.86 19.75 -18.89
CA PHE A 83 -7.70 20.31 -18.22
C PHE A 83 -7.76 19.81 -16.77
N ASN A 84 -6.72 19.13 -16.33
CA ASN A 84 -6.65 18.57 -14.98
C ASN A 84 -6.07 19.57 -13.97
N PHE A 85 -6.94 20.19 -13.18
CA PHE A 85 -6.50 21.17 -12.19
C PHE A 85 -5.74 20.56 -11.01
N ASP A 86 -5.67 19.23 -10.95
CA ASP A 86 -4.95 18.57 -9.89
C ASP A 86 -3.52 18.30 -10.33
N HIS A 87 -3.23 18.66 -11.57
CA HIS A 87 -1.90 18.46 -12.12
C HIS A 87 -1.03 19.60 -11.64
N PRO A 88 0.26 19.33 -11.36
CA PRO A 88 1.12 20.42 -10.88
C PRO A 88 1.23 21.66 -11.79
N ASP A 89 0.96 21.50 -13.09
CA ASP A 89 1.03 22.65 -13.99
C ASP A 89 -0.14 23.62 -13.78
N ALA A 90 -1.16 23.20 -13.04
CA ALA A 90 -2.31 24.07 -12.81
C ALA A 90 -2.04 25.03 -11.65
N PHE A 91 -0.88 24.91 -11.04
CA PHE A 91 -0.54 25.80 -9.94
C PHE A 91 0.61 26.71 -10.31
N ASP A 92 0.49 28.00 -9.95
CA ASP A 92 1.49 29.00 -10.24
C ASP A 92 2.60 29.01 -9.18
N ASN A 93 3.60 28.16 -9.37
CA ASN A 93 4.71 28.04 -8.42
C ASN A 93 5.50 29.33 -8.21
N GLU A 94 5.61 30.16 -9.24
CA GLU A 94 6.37 31.40 -9.10
C GLU A 94 5.67 32.30 -8.10
N LEU A 95 4.38 32.50 -8.30
CA LEU A 95 3.60 33.36 -7.41
C LEU A 95 3.59 32.81 -5.98
N ILE A 96 3.42 31.50 -5.83
CA ILE A 96 3.42 30.88 -4.51
C ILE A 96 4.79 31.08 -3.86
N LEU A 97 5.83 30.79 -4.63
CA LEU A 97 7.20 30.90 -4.18
C LEU A 97 7.50 32.35 -3.78
N LYS A 98 7.21 33.27 -4.69
CA LYS A 98 7.44 34.69 -4.42
C LYS A 98 6.59 35.15 -3.24
N THR A 99 5.30 34.80 -3.23
CA THR A 99 4.44 35.22 -2.12
C THR A 99 4.94 34.74 -0.76
N LEU A 100 5.37 33.49 -0.67
CA LEU A 100 5.83 32.93 0.61
C LEU A 100 7.13 33.55 1.12
N LYS A 101 8.12 33.67 0.24
CA LYS A 101 9.39 34.26 0.63
C LYS A 101 9.17 35.71 1.07
N GLU A 102 8.10 36.33 0.57
CA GLU A 102 7.76 37.69 0.96
C GLU A 102 7.17 37.70 2.37
N ILE A 103 6.32 36.74 2.70
CA ILE A 103 5.77 36.68 4.05
C ILE A 103 6.96 36.46 4.96
N THR A 104 7.91 35.66 4.48
CA THR A 104 9.12 35.35 5.21
C THR A 104 9.80 36.68 5.53
N GLU A 105 10.02 37.48 4.49
CA GLU A 105 10.65 38.77 4.64
C GLU A 105 9.86 39.72 5.55
N GLY A 106 8.76 39.23 6.11
CA GLY A 106 7.94 40.04 7.00
C GLY A 106 7.06 41.07 6.31
N LYS A 107 7.11 41.12 4.98
CA LYS A 107 6.32 42.06 4.20
C LYS A 107 4.83 41.66 4.18
N THR A 108 3.97 42.56 3.70
CA THR A 108 2.54 42.27 3.62
C THR A 108 2.30 41.69 2.22
N VAL A 109 1.28 40.84 2.09
CA VAL A 109 1.02 40.24 0.80
C VAL A 109 -0.44 40.29 0.37
N GLN A 110 -0.65 40.17 -0.93
CA GLN A 110 -1.98 40.17 -1.52
C GLN A 110 -2.20 38.81 -2.18
N ILE A 111 -3.12 38.02 -1.63
CA ILE A 111 -3.41 36.69 -2.16
C ILE A 111 -4.47 36.73 -3.25
N PRO A 112 -4.11 36.30 -4.47
CA PRO A 112 -5.07 36.31 -5.57
C PRO A 112 -6.39 35.62 -5.28
N VAL A 113 -7.36 35.88 -6.15
CA VAL A 113 -8.68 35.27 -6.06
C VAL A 113 -8.98 34.74 -7.46
N TYR A 114 -9.30 33.45 -7.51
CA TYR A 114 -9.55 32.78 -8.78
C TYR A 114 -11.03 32.55 -9.09
N ASP A 115 -11.36 32.72 -10.37
CA ASP A 115 -12.71 32.46 -10.86
C ASP A 115 -12.48 31.23 -11.74
N PHE A 116 -12.54 30.05 -11.12
CA PHE A 116 -12.30 28.79 -11.81
C PHE A 116 -13.19 28.62 -13.04
N VAL A 117 -13.91 29.67 -13.41
CA VAL A 117 -14.78 29.62 -14.58
C VAL A 117 -14.07 30.25 -15.79
N SER A 118 -13.54 31.46 -15.62
CA SER A 118 -12.84 32.18 -16.71
C SER A 118 -11.36 31.79 -16.78
N HIS A 119 -10.89 31.11 -15.75
CA HIS A 119 -9.51 30.66 -15.65
C HIS A 119 -8.49 31.80 -15.69
N SER A 120 -8.80 32.83 -14.92
CA SER A 120 -7.96 34.01 -14.79
C SER A 120 -8.12 34.59 -13.40
N ARG A 121 -7.19 35.45 -13.00
CA ARG A 121 -7.25 36.08 -11.70
C ARG A 121 -7.97 37.41 -11.79
N LYS A 122 -8.72 37.72 -10.74
CA LYS A 122 -9.45 38.97 -10.67
C LYS A 122 -8.47 40.10 -10.37
N GLU A 123 -9.01 41.27 -10.01
CA GLU A 123 -8.19 42.41 -9.65
C GLU A 123 -8.38 42.46 -8.14
N GLU A 124 -9.47 41.83 -7.71
CA GLU A 124 -9.87 41.73 -6.30
C GLU A 124 -8.89 40.79 -5.60
N THR A 125 -8.21 41.29 -4.57
CA THR A 125 -7.27 40.45 -3.85
C THR A 125 -7.50 40.49 -2.35
N VAL A 126 -7.04 39.47 -1.65
CA VAL A 126 -7.19 39.39 -0.21
C VAL A 126 -5.91 39.91 0.43
N THR A 127 -6.04 40.53 1.59
CA THR A 127 -4.90 41.11 2.28
C THR A 127 -4.43 40.30 3.48
N VAL A 128 -3.15 39.94 3.47
CA VAL A 128 -2.57 39.18 4.56
C VAL A 128 -1.42 39.98 5.17
N TYR A 129 -1.60 40.40 6.42
CA TYR A 129 -0.58 41.17 7.11
C TYR A 129 0.36 40.23 7.84
N PRO A 130 1.66 40.58 7.90
CA PRO A 130 2.67 39.74 8.56
C PRO A 130 2.11 39.01 9.77
N ALA A 131 2.31 37.69 9.79
CA ALA A 131 1.84 36.87 10.90
C ALA A 131 3.00 36.04 11.43
N ASP A 132 2.89 35.58 12.67
CA ASP A 132 3.92 34.78 13.30
C ASP A 132 3.97 33.35 12.74
N VAL A 133 2.79 32.74 12.59
CA VAL A 133 2.63 31.38 12.10
C VAL A 133 1.71 31.31 10.87
N VAL A 134 2.23 30.77 9.77
CA VAL A 134 1.47 30.64 8.54
C VAL A 134 1.22 29.16 8.22
N LEU A 135 0.02 28.87 7.72
CA LEU A 135 -0.34 27.51 7.31
C LEU A 135 -0.54 27.48 5.79
N PHE A 136 0.37 26.87 5.06
CA PHE A 136 0.21 26.78 3.61
C PHE A 136 -0.36 25.39 3.39
N GLU A 137 -1.62 25.35 2.98
CA GLU A 137 -2.36 24.12 2.79
C GLU A 137 -2.62 23.77 1.33
N GLY A 138 -2.19 22.59 0.88
CA GLY A 138 -2.41 22.19 -0.49
C GLY A 138 -2.05 20.77 -0.94
N ILE A 139 -2.80 20.26 -1.92
CA ILE A 139 -2.60 18.92 -2.47
C ILE A 139 -1.20 18.70 -3.02
N LEU A 140 -0.57 19.79 -3.45
CA LEU A 140 0.76 19.68 -4.02
C LEU A 140 1.68 20.66 -3.32
N ALA A 141 1.50 20.82 -2.02
CA ALA A 141 2.30 21.74 -1.23
C ALA A 141 3.78 21.36 -1.14
N PHE A 142 4.06 20.07 -1.24
CA PHE A 142 5.44 19.60 -1.15
C PHE A 142 5.98 19.17 -2.49
N TYR A 143 5.26 19.44 -3.58
CA TYR A 143 5.71 19.03 -4.91
C TYR A 143 6.96 19.73 -5.45
N SER A 144 7.01 21.06 -5.28
CA SER A 144 8.15 21.86 -5.75
C SER A 144 9.18 21.97 -4.63
N GLN A 145 10.42 21.57 -4.92
CA GLN A 145 11.48 21.64 -3.93
C GLN A 145 11.64 23.04 -3.38
N GLU A 146 11.69 24.03 -4.28
CA GLU A 146 11.83 25.44 -3.90
C GLU A 146 10.84 25.80 -2.80
N VAL A 147 9.57 25.45 -3.02
CA VAL A 147 8.51 25.72 -2.05
C VAL A 147 8.65 24.87 -0.80
N ARG A 148 8.80 23.56 -1.00
CA ARG A 148 8.94 22.58 0.07
C ARG A 148 10.02 22.94 1.11
N ASP A 149 11.14 23.48 0.65
CA ASP A 149 12.23 23.83 1.57
C ASP A 149 11.98 25.09 2.42
N LEU A 150 10.95 25.87 2.10
CA LEU A 150 10.64 27.06 2.89
C LEU A 150 9.92 26.68 4.18
N PHE A 151 9.33 25.50 4.21
CA PHE A 151 8.57 25.04 5.38
C PHE A 151 9.43 24.55 6.53
N GLN A 152 9.20 25.08 7.72
CA GLN A 152 9.95 24.64 8.89
C GLN A 152 9.34 23.33 9.40
N MET A 153 8.06 23.18 9.15
CA MET A 153 7.35 21.97 9.55
C MET A 153 6.44 21.54 8.40
N LYS A 154 6.52 20.26 8.04
CA LYS A 154 5.73 19.72 6.95
C LYS A 154 4.80 18.64 7.46
N LEU A 155 3.49 18.88 7.35
CA LEU A 155 2.45 17.95 7.80
C LEU A 155 1.63 17.38 6.64
N PHE A 156 1.40 16.06 6.67
CA PHE A 156 0.64 15.39 5.64
C PHE A 156 -0.55 14.68 6.30
N VAL A 157 -1.77 15.05 5.92
CA VAL A 157 -2.95 14.40 6.48
C VAL A 157 -3.22 13.18 5.63
N ASP A 158 -2.99 11.99 6.19
CA ASP A 158 -3.19 10.75 5.45
C ASP A 158 -4.54 10.09 5.74
N THR A 159 -5.36 10.03 4.70
CA THR A 159 -6.70 9.47 4.79
C THR A 159 -6.92 8.52 3.62
N ASP A 160 -7.40 7.31 3.91
CA ASP A 160 -7.64 6.31 2.88
C ASP A 160 -8.41 6.89 1.68
N ALA A 161 -8.07 6.41 0.49
CA ALA A 161 -8.71 6.90 -0.72
C ALA A 161 -10.22 6.66 -0.73
N ASP A 162 -10.69 5.48 -0.31
CA ASP A 162 -12.13 5.24 -0.31
C ASP A 162 -12.85 6.17 0.66
N THR A 163 -12.25 6.42 1.81
CA THR A 163 -12.85 7.33 2.77
C THR A 163 -12.93 8.72 2.13
N ARG A 164 -11.84 9.10 1.48
CA ARG A 164 -11.79 10.39 0.80
C ARG A 164 -12.87 10.52 -0.28
N LEU A 165 -13.12 9.45 -1.03
CA LEU A 165 -14.13 9.49 -2.08
C LEU A 165 -15.52 9.67 -1.46
N SER A 166 -15.70 9.05 -0.30
CA SER A 166 -16.95 9.13 0.43
C SER A 166 -17.28 10.60 0.70
N ARG A 167 -16.37 11.31 1.35
CA ARG A 167 -16.56 12.72 1.67
C ARG A 167 -16.70 13.59 0.42
N ARG A 168 -15.86 13.35 -0.57
CA ARG A 168 -15.93 14.12 -1.80
C ARG A 168 -17.31 14.03 -2.45
N VAL A 169 -17.88 12.83 -2.47
CA VAL A 169 -19.19 12.63 -3.06
C VAL A 169 -20.24 13.45 -2.35
N LEU A 170 -20.31 13.28 -1.03
CA LEU A 170 -21.28 14.00 -0.23
C LEU A 170 -21.11 15.51 -0.37
N ARG A 171 -19.89 16.01 -0.28
CA ARG A 171 -19.68 17.44 -0.41
C ARG A 171 -20.04 17.99 -1.80
N ASP A 172 -19.46 17.41 -2.84
CA ASP A 172 -19.71 17.87 -4.21
C ASP A 172 -21.16 17.83 -4.66
N ILE A 173 -21.87 16.79 -4.24
CA ILE A 173 -23.26 16.61 -4.62
C ILE A 173 -24.16 17.65 -3.96
N SER A 174 -23.82 18.03 -2.74
CA SER A 174 -24.61 18.99 -1.97
C SER A 174 -24.57 20.42 -2.47
N GLU A 175 -23.41 20.84 -2.99
CA GLU A 175 -23.23 22.22 -3.41
C GLU A 175 -23.41 22.59 -4.87
N ARG A 176 -22.73 21.88 -5.76
CA ARG A 176 -22.86 22.16 -7.19
C ARG A 176 -24.05 21.44 -7.80
N GLY A 177 -24.70 20.59 -7.00
CA GLY A 177 -25.82 19.80 -7.48
C GLY A 177 -25.40 19.02 -8.71
N ARG A 178 -24.11 18.66 -8.77
CA ARG A 178 -23.55 17.91 -9.89
C ARG A 178 -24.07 16.49 -9.87
N ASP A 179 -24.35 15.95 -11.04
CA ASP A 179 -24.86 14.59 -11.11
C ASP A 179 -23.80 13.56 -10.74
N LEU A 180 -24.17 12.70 -9.79
CA LEU A 180 -23.31 11.64 -9.30
C LEU A 180 -22.32 11.09 -10.33
N GLU A 181 -22.83 10.66 -11.48
CA GLU A 181 -21.97 10.08 -12.52
C GLU A 181 -20.85 11.02 -12.95
N GLN A 182 -21.15 12.30 -13.05
CA GLN A 182 -20.16 13.29 -13.44
C GLN A 182 -19.06 13.23 -12.40
N ILE A 183 -19.44 13.48 -11.14
CA ILE A 183 -18.53 13.46 -10.01
C ILE A 183 -17.58 12.25 -10.03
N LEU A 184 -18.12 11.06 -10.24
CA LEU A 184 -17.30 9.85 -10.26
C LEU A 184 -16.46 9.64 -11.53
N SER A 185 -17.03 9.99 -12.68
CA SER A 185 -16.33 9.86 -13.94
C SER A 185 -15.08 10.74 -13.88
N GLN A 186 -15.28 11.96 -13.40
CA GLN A 186 -14.20 12.92 -13.27
C GLN A 186 -13.15 12.38 -12.29
N TYR A 187 -13.62 11.88 -11.15
CA TYR A 187 -12.76 11.34 -10.12
C TYR A 187 -11.83 10.25 -10.66
N ILE A 188 -12.41 9.27 -11.33
CA ILE A 188 -11.68 8.14 -11.90
C ILE A 188 -10.77 8.59 -13.04
N THR A 189 -11.26 9.53 -13.84
CA THR A 189 -10.49 10.03 -14.97
C THR A 189 -9.34 10.96 -14.59
N PHE A 190 -9.63 12.01 -13.81
CA PHE A 190 -8.61 13.01 -13.43
C PHE A 190 -8.08 13.05 -12.00
N VAL A 191 -8.97 13.06 -11.02
CA VAL A 191 -8.59 13.15 -9.61
C VAL A 191 -7.69 12.02 -9.11
N LYS A 192 -8.15 10.80 -9.31
CA LYS A 192 -7.39 9.63 -8.86
C LYS A 192 -5.99 9.54 -9.49
N PRO A 193 -5.91 9.54 -10.82
CA PRO A 193 -4.58 9.45 -11.43
C PRO A 193 -3.67 10.54 -10.90
N ALA A 194 -4.19 11.76 -10.84
CA ALA A 194 -3.41 12.89 -10.36
C ALA A 194 -2.94 12.70 -8.92
N PHE A 195 -3.86 12.28 -8.06
CA PHE A 195 -3.51 12.08 -6.66
C PHE A 195 -2.35 11.08 -6.55
N GLU A 196 -2.49 9.92 -7.18
CA GLU A 196 -1.47 8.90 -7.11
C GLU A 196 -0.12 9.24 -7.76
N GLU A 197 -0.18 9.92 -8.90
CA GLU A 197 1.03 10.28 -9.62
C GLU A 197 1.78 11.47 -9.00
N PHE A 198 1.05 12.44 -8.45
CA PHE A 198 1.70 13.63 -7.89
C PHE A 198 1.60 13.90 -6.37
N CYS A 199 0.45 13.69 -5.77
CA CYS A 199 0.31 13.97 -4.35
C CYS A 199 0.99 12.93 -3.45
N LEU A 200 0.45 11.72 -3.43
CA LEU A 200 0.97 10.63 -2.61
C LEU A 200 2.49 10.54 -2.58
N PRO A 201 3.15 10.63 -3.73
CA PRO A 201 4.62 10.54 -3.66
C PRO A 201 5.27 11.64 -2.81
N THR A 202 4.55 12.72 -2.55
CA THR A 202 5.14 13.78 -1.72
C THR A 202 5.03 13.51 -0.22
N LYS A 203 4.26 12.51 0.17
CA LYS A 203 4.09 12.17 1.58
C LYS A 203 5.41 11.82 2.27
N LYS A 204 6.40 11.39 1.49
CA LYS A 204 7.71 11.04 2.05
C LYS A 204 8.49 12.27 2.48
N TYR A 205 8.01 13.45 2.12
CA TYR A 205 8.69 14.69 2.50
C TYR A 205 8.10 15.27 3.78
N ALA A 206 7.08 14.59 4.34
CA ALA A 206 6.44 15.09 5.56
C ALA A 206 7.25 14.81 6.81
N ASP A 207 7.08 15.66 7.81
CA ASP A 207 7.78 15.49 9.08
C ASP A 207 6.84 14.73 10.01
N VAL A 208 5.55 14.96 9.83
CA VAL A 208 4.55 14.31 10.64
C VAL A 208 3.31 13.93 9.83
N ILE A 209 2.80 12.73 10.07
CA ILE A 209 1.63 12.25 9.37
C ILE A 209 0.43 12.23 10.33
N ILE A 210 -0.59 12.99 9.96
CA ILE A 210 -1.82 13.08 10.75
C ILE A 210 -2.85 12.24 10.02
N PRO A 211 -3.21 11.07 10.59
CA PRO A 211 -4.20 10.19 9.96
C PRO A 211 -5.64 10.62 10.17
N ARG A 212 -6.49 10.21 9.22
CA ARG A 212 -7.93 10.46 9.22
C ARG A 212 -8.44 11.90 9.06
N GLY A 213 -7.81 12.86 9.73
CA GLY A 213 -8.26 14.24 9.58
C GLY A 213 -8.79 15.01 10.77
N ALA A 214 -9.77 15.86 10.48
CA ALA A 214 -10.40 16.75 11.45
C ALA A 214 -10.81 16.16 12.79
N ASP A 215 -11.27 14.90 12.78
CA ASP A 215 -11.67 14.25 14.02
C ASP A 215 -10.52 13.64 14.81
N ASN A 216 -9.29 13.89 14.38
CA ASN A 216 -8.15 13.36 15.10
C ASN A 216 -7.73 14.46 16.06
N LEU A 217 -8.51 14.62 17.12
CA LEU A 217 -8.24 15.68 18.09
C LEU A 217 -6.86 15.62 18.72
N VAL A 218 -6.38 14.44 19.12
CA VAL A 218 -5.06 14.33 19.71
C VAL A 218 -3.99 14.95 18.79
N ALA A 219 -4.01 14.58 17.52
CA ALA A 219 -3.03 15.15 16.62
C ALA A 219 -3.26 16.65 16.56
N ILE A 220 -4.52 17.05 16.51
CA ILE A 220 -4.90 18.47 16.43
C ILE A 220 -4.36 19.24 17.63
N ASN A 221 -4.66 18.79 18.84
CA ASN A 221 -4.17 19.47 20.03
C ASN A 221 -2.63 19.47 20.04
N LEU A 222 -2.02 18.46 19.45
CA LEU A 222 -0.57 18.40 19.38
C LEU A 222 -0.08 19.64 18.62
N ILE A 223 -0.59 19.83 17.40
CA ILE A 223 -0.18 20.97 16.60
C ILE A 223 -0.60 22.30 17.21
N VAL A 224 -1.81 22.36 17.77
CA VAL A 224 -2.31 23.60 18.38
C VAL A 224 -1.33 24.13 19.41
N GLN A 225 -1.00 23.29 20.39
CA GLN A 225 -0.09 23.64 21.46
C GLN A 225 1.28 24.07 20.95
N HIS A 226 1.85 23.29 20.04
CA HIS A 226 3.16 23.62 19.48
C HIS A 226 3.09 25.03 18.89
N ILE A 227 1.98 25.35 18.24
CA ILE A 227 1.82 26.66 17.65
C ILE A 227 1.77 27.67 18.77
N GLN A 228 0.97 27.36 19.79
CA GLN A 228 0.85 28.23 20.96
C GLN A 228 2.24 28.53 21.53
N ASP A 229 3.05 27.48 21.67
CA ASP A 229 4.40 27.63 22.20
C ASP A 229 5.19 28.63 21.39
N ILE A 230 5.07 28.57 20.07
CA ILE A 230 5.77 29.50 19.19
C ILE A 230 5.29 30.93 19.46
N LEU A 231 3.99 31.06 19.70
CA LEU A 231 3.37 32.35 19.98
C LEU A 231 3.74 32.90 21.37
N ASN A 232 4.72 32.28 22.03
CA ASN A 232 5.15 32.75 23.34
C ASN A 232 6.65 32.61 23.53
N GLU B 21 3.90 -11.83 -37.97
CA GLU B 21 2.97 -11.22 -36.97
C GLU B 21 3.31 -11.66 -35.55
N PRO B 22 4.58 -11.51 -35.14
CA PRO B 22 5.03 -11.90 -33.80
C PRO B 22 4.14 -11.37 -32.68
N PHE B 23 3.89 -12.23 -31.70
CA PHE B 23 3.07 -11.90 -30.53
C PHE B 23 4.01 -11.43 -29.41
N LEU B 24 4.08 -10.12 -29.21
CA LEU B 24 4.94 -9.55 -28.17
C LEU B 24 4.36 -9.60 -26.74
N ILE B 25 5.14 -10.13 -25.81
CA ILE B 25 4.73 -10.20 -24.41
C ILE B 25 5.72 -9.42 -23.54
N GLY B 26 5.25 -8.32 -22.97
CA GLY B 26 6.10 -7.52 -22.12
C GLY B 26 6.02 -8.05 -20.70
N VAL B 27 7.17 -8.07 -20.02
CA VAL B 27 7.22 -8.53 -18.65
C VAL B 27 8.07 -7.59 -17.81
N SER B 28 7.48 -7.03 -16.76
CA SER B 28 8.22 -6.13 -15.89
C SER B 28 8.20 -6.61 -14.45
N GLY B 29 8.64 -5.73 -13.56
CA GLY B 29 8.71 -6.04 -12.15
C GLY B 29 10.08 -5.59 -11.68
N GLY B 30 10.29 -5.51 -10.37
CA GLY B 30 11.59 -5.10 -9.86
C GLY B 30 12.65 -6.15 -10.11
N THR B 31 13.92 -5.77 -10.06
CA THR B 31 14.96 -6.76 -10.27
C THR B 31 14.92 -7.62 -9.02
N ALA B 32 15.22 -8.91 -9.15
CA ALA B 32 15.19 -9.80 -7.99
C ALA B 32 13.75 -10.15 -7.62
N SER B 33 12.81 -9.74 -8.47
CA SER B 33 11.40 -10.04 -8.25
C SER B 33 11.12 -11.41 -8.85
N GLY B 34 12.03 -11.88 -9.70
CA GLY B 34 11.87 -13.16 -10.34
C GLY B 34 11.53 -13.10 -11.82
N LYS B 35 11.39 -11.89 -12.37
CA LYS B 35 11.05 -11.72 -13.79
C LYS B 35 11.94 -12.43 -14.80
N SER B 36 13.24 -12.45 -14.56
CA SER B 36 14.16 -13.11 -15.49
C SER B 36 14.00 -14.61 -15.42
N SER B 37 13.99 -15.16 -14.21
CA SER B 37 13.82 -16.60 -14.02
C SER B 37 12.44 -17.06 -14.52
N VAL B 38 11.44 -16.23 -14.37
CA VAL B 38 10.09 -16.57 -14.84
C VAL B 38 10.15 -16.70 -16.36
N CYS B 39 10.74 -15.72 -17.01
CA CYS B 39 10.83 -15.79 -18.47
C CYS B 39 11.68 -16.98 -18.87
N ALA B 40 12.72 -17.24 -18.08
CA ALA B 40 13.62 -18.35 -18.35
C ALA B 40 12.86 -19.66 -18.24
N LYS B 41 12.16 -19.86 -17.13
CA LYS B 41 11.42 -21.10 -16.94
C LYS B 41 10.27 -21.22 -17.94
N ILE B 42 9.82 -20.11 -18.48
CA ILE B 42 8.73 -20.14 -19.46
C ILE B 42 9.22 -20.74 -20.78
N VAL B 43 10.42 -20.36 -21.21
CA VAL B 43 10.99 -20.88 -22.45
C VAL B 43 11.62 -22.24 -22.21
N GLN B 44 12.05 -22.48 -20.97
CA GLN B 44 12.64 -23.76 -20.63
C GLN B 44 11.54 -24.82 -20.68
N LEU B 45 10.37 -24.51 -20.13
CA LEU B 45 9.25 -25.46 -20.13
C LEU B 45 8.75 -25.70 -21.54
N LEU B 46 9.08 -24.79 -22.44
CA LEU B 46 8.68 -24.93 -23.84
C LEU B 46 9.79 -25.60 -24.65
N GLY B 47 10.87 -25.99 -23.96
CA GLY B 47 12.00 -26.66 -24.61
C GLY B 47 12.67 -25.82 -25.68
N GLN B 48 12.20 -24.59 -25.85
CA GLN B 48 12.74 -23.67 -26.83
C GLN B 48 14.19 -23.27 -26.50
N ASN B 49 14.81 -24.07 -25.63
CA ASN B 49 16.20 -23.84 -25.23
C ASN B 49 17.16 -24.45 -26.24
N ARG B 54 17.75 -19.39 -34.38
CA ARG B 54 17.67 -19.71 -35.80
C ARG B 54 16.33 -20.36 -36.16
N GLN B 55 15.85 -21.27 -35.30
CA GLN B 55 14.58 -21.94 -35.52
C GLN B 55 13.64 -21.70 -34.34
N LYS B 56 14.07 -20.86 -33.39
CA LYS B 56 13.27 -20.56 -32.21
C LYS B 56 11.90 -19.97 -32.51
N GLN B 57 10.89 -20.49 -31.83
CA GLN B 57 9.52 -20.01 -32.00
C GLN B 57 9.19 -19.00 -30.92
N VAL B 58 9.95 -19.05 -29.82
CA VAL B 58 9.77 -18.13 -28.71
C VAL B 58 11.16 -17.73 -28.23
N VAL B 59 11.39 -16.43 -28.12
CA VAL B 59 12.68 -15.93 -27.67
C VAL B 59 12.52 -14.94 -26.52
N ILE B 60 13.62 -14.65 -25.85
CA ILE B 60 13.61 -13.72 -24.73
C ILE B 60 14.51 -12.51 -24.98
N LEU B 61 13.90 -11.34 -24.89
CA LEU B 61 14.62 -10.09 -25.06
C LEU B 61 14.72 -9.47 -23.68
N SER B 62 15.90 -8.96 -23.33
CA SER B 62 16.08 -8.33 -22.04
C SER B 62 16.43 -6.86 -22.24
N GLN B 63 15.72 -6.00 -21.51
CA GLN B 63 15.95 -4.55 -21.59
C GLN B 63 17.37 -4.25 -21.15
N ASP B 64 18.00 -5.21 -20.46
CA ASP B 64 19.37 -5.04 -19.99
C ASP B 64 20.36 -4.79 -21.13
N SER B 65 20.17 -5.50 -22.24
CA SER B 65 21.08 -5.36 -23.35
C SER B 65 20.84 -4.13 -24.22
N PHE B 66 20.26 -3.09 -23.62
CA PHE B 66 19.99 -1.86 -24.34
C PHE B 66 20.43 -0.62 -23.58
N TYR B 67 21.42 -0.79 -22.73
CA TYR B 67 21.94 0.34 -21.95
C TYR B 67 22.57 1.31 -22.94
N ARG B 68 22.52 2.59 -22.61
CA ARG B 68 23.09 3.60 -23.46
C ARG B 68 24.62 3.53 -23.35
N VAL B 69 25.29 3.87 -24.44
CA VAL B 69 26.75 3.88 -24.42
C VAL B 69 27.14 5.02 -23.50
N LEU B 70 27.92 4.71 -22.48
CA LEU B 70 28.34 5.73 -21.52
C LEU B 70 29.41 6.68 -22.02
N THR B 71 29.36 7.92 -21.57
CA THR B 71 30.35 8.92 -21.93
C THR B 71 31.55 8.72 -21.00
N SER B 72 32.72 9.22 -21.37
CA SER B 72 33.89 9.06 -20.51
C SER B 72 33.60 9.68 -19.16
N GLU B 73 32.67 10.64 -19.13
CA GLU B 73 32.27 11.33 -17.91
C GLU B 73 31.39 10.44 -17.02
N GLN B 74 30.42 9.77 -17.62
CA GLN B 74 29.53 8.90 -16.87
C GLN B 74 30.27 7.63 -16.44
N LYS B 75 31.27 7.24 -17.22
CA LYS B 75 32.06 6.04 -16.92
C LYS B 75 32.87 6.21 -15.64
N ALA B 76 33.39 7.41 -15.42
CA ALA B 76 34.16 7.69 -14.22
C ALA B 76 33.24 7.54 -13.02
N LYS B 77 31.98 7.92 -13.20
CA LYS B 77 31.00 7.81 -12.13
C LYS B 77 30.73 6.34 -11.83
N ALA B 78 30.57 5.55 -12.89
CA ALA B 78 30.29 4.11 -12.77
C ALA B 78 31.33 3.33 -11.98
N LEU B 79 32.61 3.64 -12.19
CA LEU B 79 33.67 2.95 -11.47
C LEU B 79 33.64 3.36 -10.00
N LYS B 80 32.96 4.47 -9.72
CA LYS B 80 32.86 4.94 -8.35
C LYS B 80 31.50 4.54 -7.80
N GLY B 81 30.79 3.69 -8.56
CA GLY B 81 29.48 3.25 -8.15
C GLY B 81 28.52 4.42 -8.02
N GLN B 82 28.81 5.49 -8.76
CA GLN B 82 27.99 6.69 -8.73
C GLN B 82 27.03 6.81 -9.90
N PHE B 83 26.91 5.75 -10.70
CA PHE B 83 26.01 5.78 -11.85
C PHE B 83 24.76 4.93 -11.65
N ASN B 84 23.58 5.55 -11.76
CA ASN B 84 22.33 4.82 -11.58
C ASN B 84 21.93 3.99 -12.80
N PHE B 85 22.14 2.69 -12.73
CA PHE B 85 21.77 1.82 -13.84
C PHE B 85 20.30 1.44 -13.85
N ASP B 86 19.52 2.04 -12.95
CA ASP B 86 18.09 1.76 -12.86
C ASP B 86 17.21 2.92 -13.23
N HIS B 87 17.84 4.01 -13.64
CA HIS B 87 17.09 5.19 -14.03
C HIS B 87 16.72 5.01 -15.51
N PRO B 88 15.53 5.48 -15.92
CA PRO B 88 15.20 5.30 -17.33
C PRO B 88 16.30 5.83 -18.25
N ASP B 89 16.89 6.96 -17.89
CA ASP B 89 17.96 7.54 -18.71
C ASP B 89 19.10 6.59 -19.01
N ALA B 90 19.23 5.51 -18.24
CA ALA B 90 20.34 4.59 -18.50
C ALA B 90 20.04 3.67 -19.66
N PHE B 91 18.80 3.69 -20.14
CA PHE B 91 18.42 2.83 -21.24
C PHE B 91 18.22 3.61 -22.54
N ASP B 92 18.54 2.98 -23.66
CA ASP B 92 18.42 3.57 -24.98
C ASP B 92 16.98 3.32 -25.43
N ASN B 93 16.04 4.10 -24.92
CA ASN B 93 14.64 3.86 -25.26
C ASN B 93 14.34 3.85 -26.76
N GLU B 94 14.94 4.76 -27.52
CA GLU B 94 14.69 4.81 -28.95
C GLU B 94 15.08 3.51 -29.63
N LEU B 95 16.23 2.96 -29.25
CA LEU B 95 16.68 1.72 -29.84
C LEU B 95 15.76 0.57 -29.44
N ILE B 96 15.13 0.69 -28.28
CA ILE B 96 14.21 -0.35 -27.82
C ILE B 96 12.92 -0.27 -28.62
N LEU B 97 12.36 0.93 -28.74
CA LEU B 97 11.15 1.13 -29.49
C LEU B 97 11.34 0.67 -30.95
N LYS B 98 12.42 1.13 -31.56
CA LYS B 98 12.72 0.79 -32.94
C LYS B 98 12.91 -0.71 -33.10
N THR B 99 13.69 -1.31 -32.20
CA THR B 99 13.94 -2.74 -32.26
C THR B 99 12.68 -3.56 -32.11
N LEU B 100 11.77 -3.10 -31.25
CA LEU B 100 10.53 -3.84 -31.03
C LEU B 100 9.53 -3.63 -32.18
N LYS B 101 9.53 -2.45 -32.80
CA LYS B 101 8.61 -2.22 -33.93
C LYS B 101 8.98 -3.17 -35.07
N GLU B 102 10.27 -3.21 -35.41
CA GLU B 102 10.74 -4.07 -36.47
C GLU B 102 10.43 -5.55 -36.18
N ILE B 103 10.52 -5.96 -34.92
CA ILE B 103 10.19 -7.34 -34.56
C ILE B 103 8.71 -7.60 -34.84
N THR B 104 7.87 -6.58 -34.60
CA THR B 104 6.43 -6.67 -34.84
C THR B 104 6.15 -6.77 -36.34
N GLU B 105 7.03 -6.17 -37.14
CA GLU B 105 6.86 -6.18 -38.59
C GLU B 105 7.49 -7.44 -39.18
N GLY B 106 7.84 -8.39 -38.32
CA GLY B 106 8.42 -9.64 -38.77
C GLY B 106 9.84 -9.60 -39.31
N LYS B 107 10.53 -8.49 -39.08
CA LYS B 107 11.91 -8.34 -39.57
C LYS B 107 12.91 -8.93 -38.59
N THR B 108 13.97 -9.55 -39.11
CA THR B 108 15.01 -10.09 -38.25
C THR B 108 15.65 -8.84 -37.67
N VAL B 109 16.24 -8.94 -36.49
CA VAL B 109 16.87 -7.77 -35.90
C VAL B 109 18.17 -8.12 -35.21
N GLN B 110 18.96 -7.08 -34.99
CA GLN B 110 20.25 -7.20 -34.34
C GLN B 110 20.20 -6.59 -32.94
N ILE B 111 20.32 -7.41 -31.90
CA ILE B 111 20.31 -6.88 -30.53
C ILE B 111 21.75 -6.64 -30.10
N PRO B 112 22.03 -5.46 -29.53
CA PRO B 112 23.41 -5.23 -29.11
C PRO B 112 23.92 -6.13 -27.97
N VAL B 113 25.24 -6.20 -27.84
CA VAL B 113 25.87 -6.96 -26.78
C VAL B 113 26.65 -5.91 -26.04
N TYR B 114 26.17 -5.53 -24.86
CA TYR B 114 26.80 -4.50 -24.06
C TYR B 114 28.08 -4.98 -23.41
N ASP B 115 29.04 -4.09 -23.24
CA ASP B 115 30.30 -4.45 -22.61
C ASP B 115 30.46 -3.49 -21.45
N PHE B 116 30.19 -3.98 -20.24
CA PHE B 116 30.27 -3.15 -19.05
C PHE B 116 31.67 -2.65 -18.73
N VAL B 117 32.68 -3.44 -19.09
CA VAL B 117 34.07 -3.08 -18.84
C VAL B 117 34.41 -1.78 -19.56
N SER B 118 33.80 -1.58 -20.72
CA SER B 118 34.05 -0.37 -21.51
C SER B 118 32.84 0.54 -21.54
N HIS B 119 31.69 0.02 -21.09
CA HIS B 119 30.42 0.77 -21.06
C HIS B 119 30.00 1.33 -22.43
N SER B 120 30.18 0.52 -23.46
CA SER B 120 29.83 0.86 -24.83
C SER B 120 29.40 -0.46 -25.48
N ARG B 121 29.06 -0.44 -26.76
CA ARG B 121 28.61 -1.68 -27.39
C ARG B 121 29.69 -2.46 -28.12
N LYS B 122 29.61 -3.78 -27.96
CA LYS B 122 30.55 -4.70 -28.59
C LYS B 122 30.27 -4.79 -30.08
N GLU B 123 31.34 -4.86 -30.88
CA GLU B 123 31.23 -4.97 -32.33
C GLU B 123 30.24 -6.07 -32.71
N GLU B 124 30.36 -7.22 -32.06
CA GLU B 124 29.48 -8.36 -32.32
C GLU B 124 28.06 -8.04 -31.84
N THR B 125 27.07 -8.70 -32.44
CA THR B 125 25.68 -8.46 -32.06
C THR B 125 24.91 -9.76 -32.13
N VAL B 126 23.83 -9.86 -31.35
CA VAL B 126 23.02 -11.07 -31.36
C VAL B 126 21.92 -10.94 -32.40
N THR B 127 21.86 -11.93 -33.28
CA THR B 127 20.86 -11.96 -34.34
C THR B 127 19.65 -12.75 -33.86
N VAL B 128 18.48 -12.14 -33.91
CA VAL B 128 17.27 -12.85 -33.50
C VAL B 128 16.31 -12.87 -34.69
N TYR B 129 15.98 -14.07 -35.13
CA TYR B 129 15.08 -14.26 -36.25
C TYR B 129 13.63 -14.14 -35.81
N PRO B 130 12.74 -13.80 -36.77
CA PRO B 130 11.32 -13.65 -36.49
C PRO B 130 10.75 -14.85 -35.75
N ALA B 131 10.39 -14.64 -34.49
CA ALA B 131 9.81 -15.70 -33.67
C ALA B 131 8.32 -15.42 -33.60
N ASP B 132 7.52 -16.46 -33.37
CA ASP B 132 6.07 -16.28 -33.27
C ASP B 132 5.73 -15.59 -31.96
N VAL B 133 6.60 -15.74 -30.97
CA VAL B 133 6.40 -15.12 -29.66
C VAL B 133 7.70 -14.57 -29.12
N VAL B 134 7.69 -13.30 -28.75
CA VAL B 134 8.84 -12.62 -28.19
C VAL B 134 8.55 -12.14 -26.77
N LEU B 135 9.41 -12.47 -25.82
CA LEU B 135 9.20 -12.01 -24.45
C LEU B 135 10.18 -10.89 -24.15
N PHE B 136 9.67 -9.66 -23.99
CA PHE B 136 10.52 -8.52 -23.66
C PHE B 136 10.49 -8.28 -22.16
N GLU B 137 11.63 -8.50 -21.51
CA GLU B 137 11.73 -8.39 -20.07
C GLU B 137 12.56 -7.21 -19.59
N GLY B 138 12.05 -6.44 -18.63
CA GLY B 138 12.79 -5.30 -18.12
C GLY B 138 12.12 -4.56 -16.98
N ILE B 139 12.91 -3.91 -16.13
CA ILE B 139 12.37 -3.15 -15.00
C ILE B 139 11.56 -1.95 -15.41
N LEU B 140 11.73 -1.52 -16.65
CA LEU B 140 11.01 -0.35 -17.14
C LEU B 140 10.38 -0.63 -18.50
N ALA B 141 9.97 -1.88 -18.70
CA ALA B 141 9.39 -2.29 -19.97
C ALA B 141 8.05 -1.61 -20.25
N PHE B 142 7.41 -1.11 -19.21
CA PHE B 142 6.13 -0.45 -19.36
C PHE B 142 6.23 1.05 -19.13
N TYR B 143 7.46 1.56 -19.08
CA TYR B 143 7.67 2.98 -18.82
C TYR B 143 7.23 3.90 -19.96
N SER B 144 7.77 3.68 -21.16
CA SER B 144 7.44 4.49 -22.34
C SER B 144 6.13 4.02 -22.99
N GLN B 145 5.17 4.91 -23.12
CA GLN B 145 3.89 4.53 -23.72
C GLN B 145 4.02 3.86 -25.09
N GLU B 146 4.96 4.31 -25.92
CA GLU B 146 5.12 3.71 -27.24
C GLU B 146 5.52 2.25 -27.16
N VAL B 147 6.50 1.95 -26.31
CA VAL B 147 6.95 0.58 -26.13
C VAL B 147 5.76 -0.22 -25.56
N ARG B 148 5.15 0.33 -24.53
CA ARG B 148 4.03 -0.30 -23.85
C ARG B 148 2.91 -0.76 -24.81
N ASP B 149 2.54 0.10 -25.76
CA ASP B 149 1.47 -0.21 -26.68
C ASP B 149 1.79 -1.30 -27.71
N LEU B 150 3.01 -1.79 -27.73
CA LEU B 150 3.36 -2.82 -28.71
C LEU B 150 3.15 -4.21 -28.13
N PHE B 151 2.93 -4.26 -26.81
CA PHE B 151 2.71 -5.52 -26.12
C PHE B 151 1.25 -5.94 -26.24
N GLN B 152 1.05 -7.21 -26.58
CA GLN B 152 -0.30 -7.75 -26.72
C GLN B 152 -0.74 -8.35 -25.40
N MET B 153 0.21 -8.45 -24.48
CA MET B 153 -0.05 -8.98 -23.15
C MET B 153 1.05 -8.39 -22.29
N LYS B 154 0.68 -7.79 -21.17
CA LYS B 154 1.67 -7.22 -20.27
C LYS B 154 1.62 -7.89 -18.92
N LEU B 155 2.74 -8.47 -18.52
CA LEU B 155 2.83 -9.16 -17.22
C LEU B 155 3.73 -8.40 -16.26
N PHE B 156 3.34 -8.38 -14.98
CA PHE B 156 4.13 -7.72 -13.95
C PHE B 156 4.41 -8.71 -12.82
N VAL B 157 5.68 -9.04 -12.62
CA VAL B 157 6.07 -9.96 -11.55
C VAL B 157 6.22 -9.12 -10.28
N ASP B 158 5.24 -9.24 -9.39
CA ASP B 158 5.19 -8.46 -8.17
C ASP B 158 5.62 -9.21 -6.91
N THR B 159 6.66 -8.69 -6.28
CA THR B 159 7.22 -9.27 -5.07
C THR B 159 7.52 -8.14 -4.11
N ASP B 160 7.38 -8.41 -2.82
CA ASP B 160 7.59 -7.41 -1.78
C ASP B 160 9.01 -6.86 -1.66
N ALA B 161 9.11 -5.55 -1.45
CA ALA B 161 10.37 -4.84 -1.30
C ALA B 161 11.25 -5.63 -0.33
N ASP B 162 10.58 -6.20 0.67
CA ASP B 162 11.18 -7.03 1.71
C ASP B 162 12.00 -8.17 1.10
N THR B 163 11.24 -9.12 0.57
CA THR B 163 11.74 -10.31 -0.05
C THR B 163 12.75 -9.97 -1.12
N ARG B 164 12.42 -8.98 -1.92
CA ARG B 164 13.27 -8.55 -3.01
C ARG B 164 14.67 -8.14 -2.53
N LEU B 165 14.74 -7.27 -1.51
CA LEU B 165 16.03 -6.81 -0.97
C LEU B 165 16.83 -7.99 -0.43
N SER B 166 16.15 -8.91 0.22
CA SER B 166 16.80 -10.09 0.77
C SER B 166 17.47 -10.91 -0.35
N ARG B 167 16.74 -11.12 -1.44
CA ARG B 167 17.25 -11.88 -2.56
C ARG B 167 18.45 -11.13 -3.16
N ARG B 168 18.28 -9.83 -3.32
CA ARG B 168 19.32 -8.97 -3.89
C ARG B 168 20.62 -9.02 -3.11
N VAL B 169 20.52 -8.93 -1.78
CA VAL B 169 21.69 -8.98 -0.92
C VAL B 169 22.40 -10.32 -1.00
N LEU B 170 21.63 -11.40 -0.87
CA LEU B 170 22.21 -12.73 -0.92
C LEU B 170 22.91 -13.00 -2.25
N ARG B 171 22.31 -12.53 -3.33
CA ARG B 171 22.88 -12.70 -4.66
C ARG B 171 24.13 -11.82 -4.86
N ASP B 172 24.01 -10.52 -4.58
CA ASP B 172 25.12 -9.58 -4.70
C ASP B 172 26.36 -10.02 -3.92
N ILE B 173 26.13 -10.61 -2.75
CA ILE B 173 27.21 -11.08 -1.91
C ILE B 173 27.74 -12.44 -2.31
N SER B 174 26.85 -13.42 -2.40
CA SER B 174 27.27 -14.79 -2.75
C SER B 174 27.73 -15.01 -4.19
N GLU B 175 27.09 -14.36 -5.15
CA GLU B 175 27.44 -14.49 -6.57
C GLU B 175 28.38 -13.42 -7.11
N ARG B 176 28.13 -12.16 -6.77
CA ARG B 176 28.92 -11.04 -7.29
C ARG B 176 30.08 -10.59 -6.39
N GLY B 177 30.07 -11.01 -5.14
CA GLY B 177 31.14 -10.65 -4.20
C GLY B 177 31.25 -9.18 -3.80
N ARG B 178 30.12 -8.53 -3.56
CA ARG B 178 30.15 -7.12 -3.18
C ARG B 178 30.26 -6.93 -1.67
N ASP B 179 30.55 -5.70 -1.23
CA ASP B 179 30.62 -5.40 0.19
C ASP B 179 29.21 -5.09 0.69
N LEU B 180 28.83 -5.73 1.80
CA LEU B 180 27.50 -5.55 2.39
C LEU B 180 27.05 -4.09 2.56
N GLU B 181 27.82 -3.27 3.26
CA GLU B 181 27.41 -1.88 3.46
C GLU B 181 27.21 -1.10 2.15
N GLN B 182 27.95 -1.47 1.12
CA GLN B 182 27.82 -0.78 -0.16
C GLN B 182 26.54 -1.21 -0.89
N ILE B 183 26.14 -2.46 -0.70
CA ILE B 183 24.92 -2.96 -1.31
C ILE B 183 23.71 -2.18 -0.78
N LEU B 184 23.60 -2.12 0.54
CA LEU B 184 22.53 -1.43 1.22
C LEU B 184 22.61 0.08 1.07
N SER B 185 23.82 0.61 1.11
CA SER B 185 23.98 2.05 0.96
C SER B 185 23.43 2.45 -0.42
N GLN B 186 23.88 1.74 -1.45
CA GLN B 186 23.42 2.00 -2.80
C GLN B 186 21.94 1.69 -2.92
N TYR B 187 21.49 0.62 -2.26
CA TYR B 187 20.08 0.27 -2.32
C TYR B 187 19.21 1.43 -1.82
N ILE B 188 19.60 2.02 -0.69
CA ILE B 188 18.86 3.13 -0.09
C ILE B 188 18.91 4.37 -0.98
N THR B 189 20.10 4.68 -1.49
CA THR B 189 20.30 5.86 -2.31
C THR B 189 19.81 5.81 -3.77
N PHE B 190 19.98 4.69 -4.46
CA PHE B 190 19.57 4.61 -5.86
C PHE B 190 18.50 3.62 -6.28
N VAL B 191 18.67 2.34 -5.92
CA VAL B 191 17.71 1.32 -6.30
C VAL B 191 16.27 1.63 -5.85
N LYS B 192 16.07 1.68 -4.55
CA LYS B 192 14.75 1.94 -3.98
C LYS B 192 14.07 3.18 -4.56
N PRO B 193 14.77 4.32 -4.58
CA PRO B 193 14.11 5.49 -5.13
C PRO B 193 13.72 5.27 -6.59
N ALA B 194 14.65 4.72 -7.36
CA ALA B 194 14.43 4.46 -8.77
C ALA B 194 13.27 3.48 -9.01
N PHE B 195 13.14 2.51 -8.13
CA PHE B 195 12.07 1.52 -8.28
C PHE B 195 10.73 2.17 -8.00
N GLU B 196 10.61 2.85 -6.86
CA GLU B 196 9.37 3.50 -6.46
C GLU B 196 8.90 4.62 -7.37
N GLU B 197 9.84 5.33 -7.99
CA GLU B 197 9.46 6.43 -8.85
C GLU B 197 9.16 6.02 -10.29
N PHE B 198 9.91 5.07 -10.82
CA PHE B 198 9.72 4.69 -12.23
C PHE B 198 9.12 3.32 -12.50
N CYS B 199 9.50 2.33 -11.71
CA CYS B 199 8.99 0.97 -11.95
C CYS B 199 7.59 0.74 -11.39
N LEU B 200 7.47 0.69 -10.07
CA LEU B 200 6.20 0.45 -9.39
C LEU B 200 4.98 1.13 -10.01
N PRO B 201 5.09 2.41 -10.40
CA PRO B 201 3.89 3.03 -10.98
C PRO B 201 3.45 2.44 -12.31
N THR B 202 4.29 1.63 -12.95
CA THR B 202 3.89 1.04 -14.22
C THR B 202 3.08 -0.24 -14.00
N LYS B 203 3.01 -0.70 -12.76
CA LYS B 203 2.27 -1.92 -12.48
C LYS B 203 0.83 -1.85 -12.93
N LYS B 204 0.25 -0.67 -12.80
CA LYS B 204 -1.15 -0.47 -13.19
C LYS B 204 -1.42 -0.75 -14.67
N TYR B 205 -0.37 -0.83 -15.47
CA TYR B 205 -0.51 -1.10 -16.89
C TYR B 205 -0.56 -2.59 -17.24
N ALA B 206 -0.22 -3.45 -16.28
CA ALA B 206 -0.21 -4.90 -16.50
C ALA B 206 -1.61 -5.48 -16.70
N ASP B 207 -1.70 -6.55 -17.49
CA ASP B 207 -2.99 -7.22 -17.71
C ASP B 207 -3.06 -8.35 -16.68
N VAL B 208 -1.90 -8.90 -16.35
CA VAL B 208 -1.82 -9.99 -15.40
C VAL B 208 -0.68 -9.79 -14.45
N ILE B 209 -0.95 -10.00 -13.17
CA ILE B 209 0.05 -9.85 -12.14
C ILE B 209 0.46 -11.21 -11.57
N ILE B 210 1.76 -11.49 -11.64
CA ILE B 210 2.31 -12.75 -11.15
C ILE B 210 3.02 -12.51 -9.83
N PRO B 211 2.43 -12.96 -8.73
CA PRO B 211 3.08 -12.76 -7.43
C PRO B 211 4.26 -13.69 -7.13
N ARG B 212 5.10 -13.28 -6.18
CA ARG B 212 6.25 -14.05 -5.74
C ARG B 212 7.37 -14.27 -6.76
N GLY B 213 7.04 -14.81 -7.93
CA GLY B 213 8.08 -15.00 -8.93
C GLY B 213 8.26 -16.40 -9.48
N ALA B 214 9.52 -16.75 -9.72
CA ALA B 214 9.90 -18.04 -10.28
C ALA B 214 9.27 -19.28 -9.66
N ASP B 215 8.81 -19.24 -8.42
CA ASP B 215 8.23 -20.46 -7.84
C ASP B 215 6.75 -20.59 -8.06
N ASN B 216 6.13 -19.56 -8.62
CA ASN B 216 4.70 -19.59 -8.87
C ASN B 216 4.46 -20.40 -10.14
N LEU B 217 4.59 -21.72 -10.01
CA LEU B 217 4.41 -22.63 -11.15
C LEU B 217 3.01 -22.61 -11.76
N VAL B 218 1.99 -22.33 -10.95
CA VAL B 218 0.64 -22.29 -11.46
C VAL B 218 0.57 -21.14 -12.46
N ALA B 219 1.17 -20.01 -12.12
CA ALA B 219 1.18 -18.86 -13.02
C ALA B 219 2.10 -19.16 -14.22
N ILE B 220 3.27 -19.73 -13.95
CA ILE B 220 4.20 -20.03 -15.03
C ILE B 220 3.58 -20.96 -16.07
N ASN B 221 2.94 -22.03 -15.61
CA ASN B 221 2.32 -22.95 -16.56
C ASN B 221 1.13 -22.31 -17.27
N LEU B 222 0.55 -21.27 -16.67
CA LEU B 222 -0.56 -20.59 -17.30
C LEU B 222 -0.06 -19.84 -18.55
N ILE B 223 1.09 -19.19 -18.45
CA ILE B 223 1.64 -18.49 -19.59
C ILE B 223 2.26 -19.45 -20.60
N VAL B 224 2.71 -20.61 -20.13
CA VAL B 224 3.30 -21.61 -21.02
C VAL B 224 2.22 -22.14 -21.97
N GLN B 225 1.23 -22.81 -21.39
CA GLN B 225 0.13 -23.37 -22.18
C GLN B 225 -0.42 -22.32 -23.15
N HIS B 226 -0.47 -21.07 -22.71
CA HIS B 226 -0.99 -20.01 -23.55
C HIS B 226 -0.05 -19.73 -24.72
N ILE B 227 1.25 -19.69 -24.44
CA ILE B 227 2.23 -19.46 -25.49
C ILE B 227 2.21 -20.65 -26.45
N GLN B 228 1.91 -21.84 -25.91
CA GLN B 228 1.84 -23.02 -26.73
C GLN B 228 0.60 -22.99 -27.62
N ASP B 229 -0.53 -22.54 -27.09
CA ASP B 229 -1.75 -22.47 -27.89
C ASP B 229 -1.57 -21.53 -29.08
N ILE B 230 -0.70 -20.53 -28.95
CA ILE B 230 -0.45 -19.59 -30.04
C ILE B 230 0.42 -20.24 -31.12
N LEU B 231 1.42 -20.99 -30.66
CA LEU B 231 2.34 -21.68 -31.55
C LEU B 231 1.62 -22.74 -32.40
N ASN B 232 0.41 -23.11 -32.00
CA ASN B 232 -0.36 -24.12 -32.73
C ASN B 232 -1.62 -23.53 -33.36
N GLU C 21 -11.69 -35.19 -10.22
CA GLU C 21 -11.66 -35.07 -11.72
C GLU C 21 -11.94 -33.63 -12.13
N PRO C 22 -13.01 -33.03 -11.58
CA PRO C 22 -13.34 -31.65 -11.91
C PRO C 22 -12.20 -30.70 -11.55
N PHE C 23 -11.93 -29.75 -12.44
CA PHE C 23 -10.88 -28.76 -12.21
C PHE C 23 -11.52 -27.61 -11.46
N LEU C 24 -11.14 -27.41 -10.20
CA LEU C 24 -11.70 -26.33 -9.39
C LEU C 24 -10.85 -25.07 -9.34
N ILE C 25 -11.45 -23.96 -9.73
CA ILE C 25 -10.78 -22.67 -9.72
C ILE C 25 -11.44 -21.75 -8.70
N GLY C 26 -10.67 -21.34 -7.70
CA GLY C 26 -11.18 -20.46 -6.68
C GLY C 26 -10.93 -19.00 -7.08
N VAL C 27 -11.99 -18.20 -7.03
CA VAL C 27 -11.89 -16.82 -7.41
C VAL C 27 -12.33 -15.93 -6.27
N SER C 28 -11.51 -14.94 -5.95
CA SER C 28 -11.85 -14.01 -4.88
C SER C 28 -11.51 -12.58 -5.26
N GLY C 29 -11.86 -11.67 -4.36
CA GLY C 29 -11.63 -10.27 -4.58
C GLY C 29 -12.73 -9.58 -3.81
N GLY C 30 -12.64 -8.27 -3.64
CA GLY C 30 -13.67 -7.59 -2.89
C GLY C 30 -14.95 -7.40 -3.67
N THR C 31 -16.06 -7.19 -2.96
CA THR C 31 -17.33 -6.94 -3.60
C THR C 31 -17.07 -5.72 -4.48
N ALA C 32 -17.53 -5.78 -5.73
CA ALA C 32 -17.38 -4.68 -6.67
C ALA C 32 -16.04 -4.70 -7.45
N SER C 33 -15.13 -5.57 -7.03
CA SER C 33 -13.85 -5.69 -7.71
C SER C 33 -14.05 -6.16 -9.14
N GLY C 34 -15.13 -6.89 -9.38
CA GLY C 34 -15.41 -7.40 -10.71
C GLY C 34 -15.26 -8.91 -10.83
N LYS C 35 -15.13 -9.59 -9.70
CA LYS C 35 -14.96 -11.03 -9.74
C LYS C 35 -16.16 -11.75 -10.32
N SER C 36 -17.36 -11.28 -9.98
CA SER C 36 -18.55 -11.94 -10.52
C SER C 36 -18.61 -11.79 -12.04
N SER C 37 -18.54 -10.55 -12.51
CA SER C 37 -18.58 -10.31 -13.93
C SER C 37 -17.45 -11.04 -14.67
N VAL C 38 -16.29 -11.17 -14.01
CA VAL C 38 -15.16 -11.86 -14.63
C VAL C 38 -15.57 -13.31 -14.87
N CYS C 39 -16.09 -13.97 -13.83
CA CYS C 39 -16.52 -15.37 -13.96
C CYS C 39 -17.60 -15.51 -15.03
N ALA C 40 -18.53 -14.55 -15.06
CA ALA C 40 -19.62 -14.57 -16.02
C ALA C 40 -19.13 -14.48 -17.46
N LYS C 41 -18.28 -13.50 -17.73
CA LYS C 41 -17.75 -13.31 -19.08
C LYS C 41 -16.85 -14.48 -19.48
N ILE C 42 -16.44 -15.28 -18.51
CA ILE C 42 -15.59 -16.43 -18.81
C ILE C 42 -16.42 -17.55 -19.43
N VAL C 43 -17.50 -17.94 -18.76
CA VAL C 43 -18.35 -18.99 -19.28
C VAL C 43 -18.97 -18.53 -20.59
N GLN C 44 -19.33 -17.24 -20.64
CA GLN C 44 -19.95 -16.68 -21.83
C GLN C 44 -19.03 -16.81 -23.03
N LEU C 45 -17.79 -16.40 -22.88
CA LEU C 45 -16.86 -16.48 -24.00
C LEU C 45 -16.59 -17.93 -24.40
N LEU C 46 -16.92 -18.86 -23.52
CA LEU C 46 -16.70 -20.30 -23.79
C LEU C 46 -17.88 -20.93 -24.53
N GLY C 47 -18.95 -20.16 -24.70
CA GLY C 47 -20.12 -20.67 -25.38
C GLY C 47 -20.98 -21.52 -24.45
N GLN C 48 -20.62 -21.53 -23.17
CA GLN C 48 -21.36 -22.30 -22.19
C GLN C 48 -22.79 -21.80 -21.96
N ASN C 49 -23.05 -20.54 -22.32
CA ASN C 49 -24.40 -20.01 -22.17
C ASN C 49 -25.28 -20.73 -23.18
N GLU C 50 -24.68 -21.07 -24.32
CA GLU C 50 -25.40 -21.78 -25.37
C GLU C 50 -25.37 -23.29 -25.17
N VAL C 51 -24.90 -23.73 -24.01
CA VAL C 51 -24.85 -25.15 -23.68
C VAL C 51 -26.03 -25.48 -22.79
N ASP C 52 -26.45 -26.74 -22.82
CA ASP C 52 -27.58 -27.17 -22.02
C ASP C 52 -27.23 -27.40 -20.57
N TYR C 53 -28.15 -27.00 -19.70
CA TYR C 53 -28.03 -27.12 -18.27
C TYR C 53 -27.45 -28.45 -17.81
N ARG C 54 -27.98 -29.54 -18.35
CA ARG C 54 -27.53 -30.87 -17.96
C ARG C 54 -26.15 -31.25 -18.53
N GLN C 55 -25.71 -30.54 -19.57
CA GLN C 55 -24.42 -30.82 -20.22
C GLN C 55 -23.32 -29.77 -19.98
N LYS C 56 -23.65 -28.69 -19.26
CA LYS C 56 -22.68 -27.63 -19.00
C LYS C 56 -21.33 -28.14 -18.53
N GLN C 57 -20.28 -27.72 -19.25
CA GLN C 57 -18.91 -28.13 -18.95
C GLN C 57 -18.22 -27.28 -17.89
N VAL C 58 -18.57 -26.01 -17.81
CA VAL C 58 -18.00 -25.15 -16.78
C VAL C 58 -19.14 -24.39 -16.11
N VAL C 59 -19.18 -24.45 -14.78
CA VAL C 59 -20.22 -23.80 -13.99
C VAL C 59 -19.65 -22.84 -12.96
N ILE C 60 -20.50 -21.93 -12.50
CA ILE C 60 -20.09 -20.93 -11.52
C ILE C 60 -20.85 -21.09 -10.21
N LEU C 61 -20.11 -21.23 -9.12
CA LEU C 61 -20.71 -21.37 -7.79
C LEU C 61 -20.34 -20.12 -6.98
N SER C 62 -21.29 -19.60 -6.20
CA SER C 62 -21.03 -18.41 -5.38
C SER C 62 -21.06 -18.71 -3.88
N GLN C 63 -20.04 -18.21 -3.18
CA GLN C 63 -19.95 -18.42 -1.74
C GLN C 63 -21.24 -17.90 -1.14
N ASP C 64 -21.80 -16.86 -1.77
CA ASP C 64 -23.04 -16.22 -1.36
C ASP C 64 -24.16 -17.19 -1.04
N SER C 65 -24.50 -18.02 -2.02
CA SER C 65 -25.57 -18.98 -1.83
C SER C 65 -25.30 -19.90 -0.65
N PHE C 66 -24.18 -19.69 0.02
CA PHE C 66 -23.83 -20.50 1.18
C PHE C 66 -23.85 -19.73 2.50
N TYR C 67 -24.69 -18.70 2.58
CA TYR C 67 -24.78 -17.95 3.82
C TYR C 67 -25.27 -18.90 4.91
N ARG C 68 -24.76 -18.69 6.11
CA ARG C 68 -25.11 -19.50 7.24
C ARG C 68 -26.52 -19.16 7.73
N VAL C 69 -27.30 -20.18 8.08
CA VAL C 69 -28.64 -19.95 8.63
C VAL C 69 -28.37 -19.29 9.99
N LEU C 70 -28.88 -18.08 10.17
CA LEU C 70 -28.63 -17.35 11.41
C LEU C 70 -29.36 -17.85 12.65
N THR C 71 -28.76 -17.58 13.80
CA THR C 71 -29.33 -17.95 15.09
C THR C 71 -30.43 -16.93 15.38
N SER C 72 -30.92 -16.91 16.62
CA SER C 72 -31.95 -15.95 16.98
C SER C 72 -31.32 -14.58 17.22
N GLU C 73 -30.13 -14.59 17.82
CA GLU C 73 -29.40 -13.36 18.12
C GLU C 73 -28.81 -12.68 16.88
N GLN C 74 -28.34 -13.45 15.92
CA GLN C 74 -27.76 -12.86 14.72
C GLN C 74 -28.84 -12.27 13.83
N LYS C 75 -30.01 -12.90 13.80
CA LYS C 75 -31.13 -12.41 13.00
C LYS C 75 -31.60 -11.12 13.61
N ALA C 76 -31.63 -11.09 14.94
CA ALA C 76 -32.05 -9.90 15.67
C ALA C 76 -31.14 -8.75 15.26
N LYS C 77 -29.83 -8.99 15.31
CA LYS C 77 -28.85 -7.98 14.95
C LYS C 77 -29.04 -7.57 13.50
N ALA C 78 -29.40 -8.55 12.67
CA ALA C 78 -29.62 -8.32 11.24
C ALA C 78 -30.81 -7.40 10.96
N LEU C 79 -31.88 -7.53 11.74
CA LEU C 79 -33.05 -6.69 11.51
C LEU C 79 -32.75 -5.24 11.83
N LYS C 80 -31.75 -5.00 12.69
CA LYS C 80 -31.39 -3.65 13.06
C LYS C 80 -30.22 -3.13 12.19
N GLY C 81 -29.86 -3.92 11.18
CA GLY C 81 -28.78 -3.55 10.28
C GLY C 81 -27.39 -3.63 10.89
N GLN C 82 -27.23 -4.49 11.90
CA GLN C 82 -25.95 -4.64 12.60
C GLN C 82 -25.18 -5.95 12.44
N PHE C 83 -25.63 -6.84 11.57
CA PHE C 83 -24.92 -8.08 11.35
C PHE C 83 -24.08 -7.91 10.09
N ASN C 84 -22.77 -7.92 10.21
CA ASN C 84 -21.91 -7.75 9.05
C ASN C 84 -21.92 -9.02 8.21
N PHE C 85 -22.61 -9.00 7.09
CA PHE C 85 -22.67 -10.17 6.21
C PHE C 85 -21.37 -10.45 5.48
N ASP C 86 -20.36 -9.63 5.73
CA ASP C 86 -19.07 -9.82 5.11
C ASP C 86 -18.05 -10.39 6.08
N HIS C 87 -18.50 -10.66 7.31
CA HIS C 87 -17.62 -11.26 8.31
C HIS C 87 -17.59 -12.75 7.98
N PRO C 88 -16.49 -13.43 8.29
CA PRO C 88 -16.46 -14.86 7.97
C PRO C 88 -17.57 -15.67 8.66
N ASP C 89 -18.00 -15.22 9.84
CA ASP C 89 -19.05 -15.92 10.56
C ASP C 89 -20.34 -16.02 9.76
N ALA C 90 -20.49 -15.16 8.76
CA ALA C 90 -21.70 -15.15 7.95
C ALA C 90 -21.78 -16.29 6.95
N PHE C 91 -20.68 -16.98 6.72
CA PHE C 91 -20.69 -18.07 5.74
C PHE C 91 -20.66 -19.45 6.37
N ASP C 92 -21.40 -20.37 5.76
CA ASP C 92 -21.48 -21.74 6.22
C ASP C 92 -20.30 -22.50 5.63
N ASN C 93 -19.16 -22.33 6.28
CA ASN C 93 -17.93 -22.95 5.83
C ASN C 93 -17.97 -24.47 5.75
N GLU C 94 -18.54 -25.11 6.75
CA GLU C 94 -18.65 -26.57 6.77
C GLU C 94 -19.34 -27.08 5.50
N LEU C 95 -20.52 -26.54 5.19
CA LEU C 95 -21.28 -26.94 4.02
C LEU C 95 -20.51 -26.66 2.74
N ILE C 96 -19.81 -25.52 2.69
CA ILE C 96 -19.02 -25.17 1.52
C ILE C 96 -17.99 -26.28 1.31
N LEU C 97 -17.38 -26.73 2.39
CA LEU C 97 -16.38 -27.78 2.30
C LEU C 97 -17.01 -29.07 1.76
N LYS C 98 -18.01 -29.57 2.47
CA LYS C 98 -18.69 -30.80 2.05
C LYS C 98 -19.13 -30.74 0.59
N THR C 99 -19.77 -29.66 0.19
CA THR C 99 -20.24 -29.52 -1.18
C THR C 99 -19.09 -29.59 -2.20
N LEU C 100 -17.99 -28.93 -1.89
CA LEU C 100 -16.86 -28.93 -2.81
C LEU C 100 -16.16 -30.29 -2.86
N LYS C 101 -16.10 -30.99 -1.73
CA LYS C 101 -15.45 -32.30 -1.72
C LYS C 101 -16.24 -33.27 -2.58
N GLU C 102 -17.56 -33.16 -2.55
CA GLU C 102 -18.42 -34.02 -3.34
C GLU C 102 -18.23 -33.76 -4.83
N ILE C 103 -18.12 -32.48 -5.18
CA ILE C 103 -17.91 -32.07 -6.56
C ILE C 103 -16.58 -32.66 -7.05
N THR C 104 -15.63 -32.79 -6.13
CA THR C 104 -14.33 -33.37 -6.46
C THR C 104 -14.52 -34.86 -6.74
N GLU C 105 -15.45 -35.47 -6.02
CA GLU C 105 -15.77 -36.88 -6.16
C GLU C 105 -16.64 -37.09 -7.40
N GLY C 106 -16.65 -36.09 -8.28
CA GLY C 106 -17.45 -36.19 -9.50
C GLY C 106 -18.93 -36.39 -9.25
N LYS C 107 -19.37 -36.17 -8.02
CA LYS C 107 -20.77 -36.35 -7.67
C LYS C 107 -21.61 -35.11 -8.02
N THR C 108 -22.91 -35.30 -8.15
CA THR C 108 -23.84 -34.21 -8.45
C THR C 108 -24.22 -33.56 -7.13
N VAL C 109 -23.95 -32.26 -7.01
CA VAL C 109 -24.24 -31.54 -5.78
C VAL C 109 -25.57 -30.82 -5.83
N GLN C 110 -26.07 -30.52 -4.63
CA GLN C 110 -27.34 -29.82 -4.46
C GLN C 110 -27.04 -28.48 -3.77
N ILE C 111 -27.17 -27.38 -4.51
CA ILE C 111 -26.90 -26.04 -3.99
C ILE C 111 -28.08 -25.35 -3.29
N PRO C 112 -27.90 -24.94 -2.03
CA PRO C 112 -28.95 -24.27 -1.27
C PRO C 112 -29.32 -22.90 -1.81
N VAL C 113 -30.53 -22.45 -1.48
CA VAL C 113 -31.04 -21.14 -1.88
C VAL C 113 -31.34 -20.39 -0.58
N TYR C 114 -30.77 -19.20 -0.46
CA TYR C 114 -30.93 -18.39 0.74
C TYR C 114 -32.06 -17.36 0.60
N ASP C 115 -32.85 -17.24 1.65
CA ASP C 115 -33.95 -16.28 1.69
C ASP C 115 -33.57 -15.22 2.70
N PHE C 116 -33.31 -14.01 2.22
CA PHE C 116 -32.90 -12.94 3.09
C PHE C 116 -33.90 -12.40 4.11
N VAL C 117 -35.18 -12.61 3.88
CA VAL C 117 -36.14 -12.11 4.84
C VAL C 117 -36.12 -12.97 6.10
N SER C 118 -36.31 -14.28 5.94
CA SER C 118 -36.32 -15.21 7.06
C SER C 118 -34.91 -15.47 7.57
N HIS C 119 -33.92 -15.18 6.73
CA HIS C 119 -32.53 -15.40 7.08
C HIS C 119 -32.33 -16.89 7.32
N SER C 120 -32.69 -17.67 6.32
CA SER C 120 -32.57 -19.13 6.35
C SER C 120 -32.69 -19.64 4.92
N ARG C 121 -32.65 -20.95 4.75
CA ARG C 121 -32.72 -21.52 3.41
C ARG C 121 -34.11 -22.00 3.02
N LYS C 122 -34.48 -21.70 1.78
CA LYS C 122 -35.76 -22.12 1.22
C LYS C 122 -35.67 -23.62 1.02
N GLU C 123 -36.81 -24.26 0.77
CA GLU C 123 -36.84 -25.69 0.55
C GLU C 123 -36.31 -26.00 -0.84
N GLU C 124 -36.47 -25.03 -1.74
CA GLU C 124 -36.00 -25.17 -3.11
C GLU C 124 -34.49 -25.03 -3.19
N THR C 125 -33.81 -26.05 -3.71
CA THR C 125 -32.36 -26.01 -3.87
C THR C 125 -32.04 -26.27 -5.33
N VAL C 126 -30.95 -25.68 -5.82
CA VAL C 126 -30.56 -25.85 -7.20
C VAL C 126 -29.60 -27.04 -7.36
N THR C 127 -29.70 -27.71 -8.50
CA THR C 127 -28.87 -28.87 -8.78
C THR C 127 -27.75 -28.52 -9.75
N VAL C 128 -26.55 -29.00 -9.46
CA VAL C 128 -25.44 -28.73 -10.34
C VAL C 128 -24.80 -30.06 -10.73
N TYR C 129 -24.94 -30.39 -12.01
CA TYR C 129 -24.40 -31.62 -12.56
C TYR C 129 -22.88 -31.53 -12.72
N PRO C 130 -22.17 -32.66 -12.53
CA PRO C 130 -20.71 -32.70 -12.65
C PRO C 130 -20.20 -32.03 -13.93
N ALA C 131 -19.47 -30.94 -13.77
CA ALA C 131 -18.91 -30.23 -14.92
C ALA C 131 -17.40 -30.43 -14.86
N ASP C 132 -16.75 -30.25 -16.00
CA ASP C 132 -15.30 -30.40 -16.07
C ASP C 132 -14.62 -29.27 -15.29
N VAL C 133 -15.11 -28.05 -15.46
CA VAL C 133 -14.54 -26.88 -14.78
C VAL C 133 -15.55 -26.17 -13.86
N VAL C 134 -15.13 -25.92 -12.62
CA VAL C 134 -15.98 -25.23 -11.67
C VAL C 134 -15.28 -23.98 -11.15
N LEU C 135 -15.93 -22.84 -11.26
CA LEU C 135 -15.40 -21.58 -10.75
C LEU C 135 -16.10 -21.22 -9.44
N PHE C 136 -15.41 -21.35 -8.30
CA PHE C 136 -16.01 -21.00 -7.01
C PHE C 136 -15.56 -19.59 -6.70
N GLU C 137 -16.51 -18.68 -6.63
CA GLU C 137 -16.23 -17.26 -6.41
C GLU C 137 -16.86 -16.64 -5.17
N GLY C 138 -16.10 -15.78 -4.49
CA GLY C 138 -16.60 -15.11 -3.29
C GLY C 138 -15.53 -14.29 -2.57
N ILE C 139 -15.98 -13.39 -1.71
CA ILE C 139 -15.08 -12.53 -0.96
C ILE C 139 -14.18 -13.25 0.05
N LEU C 140 -14.56 -14.47 0.45
CA LEU C 140 -13.75 -15.21 1.39
C LEU C 140 -13.44 -16.62 0.88
N ALA C 141 -13.29 -16.73 -0.44
CA ALA C 141 -13.01 -18.01 -1.10
C ALA C 141 -11.73 -18.68 -0.61
N PHE C 142 -10.75 -17.89 -0.20
CA PHE C 142 -9.48 -18.42 0.28
C PHE C 142 -9.30 -18.26 1.78
N TYR C 143 -10.34 -17.86 2.49
CA TYR C 143 -10.22 -17.66 3.93
C TYR C 143 -9.90 -18.92 4.72
N SER C 144 -10.48 -20.06 4.34
CA SER C 144 -10.24 -21.31 5.06
C SER C 144 -9.31 -22.27 4.37
N GLN C 145 -8.24 -22.65 5.06
CA GLN C 145 -7.24 -23.55 4.54
C GLN C 145 -7.83 -24.76 3.79
N GLU C 146 -8.79 -25.45 4.40
CA GLU C 146 -9.38 -26.61 3.77
C GLU C 146 -10.02 -26.31 2.42
N VAL C 147 -10.90 -25.30 2.40
CA VAL C 147 -11.57 -24.92 1.15
C VAL C 147 -10.52 -24.52 0.12
N ARG C 148 -9.62 -23.67 0.56
CA ARG C 148 -8.53 -23.14 -0.25
C ARG C 148 -7.69 -24.25 -0.93
N ASP C 149 -7.26 -25.25 -0.17
CA ASP C 149 -6.45 -26.33 -0.72
C ASP C 149 -7.15 -27.19 -1.76
N LEU C 150 -8.46 -26.98 -1.93
CA LEU C 150 -9.22 -27.73 -2.91
C LEU C 150 -9.09 -27.12 -4.30
N PHE C 151 -8.69 -25.85 -4.36
CA PHE C 151 -8.55 -25.18 -5.65
C PHE C 151 -7.19 -25.45 -6.26
N GLN C 152 -7.20 -25.79 -7.54
CA GLN C 152 -5.97 -26.07 -8.26
C GLN C 152 -5.42 -24.80 -8.91
N MET C 153 -6.22 -23.75 -8.85
CA MET C 153 -5.84 -22.45 -9.37
C MET C 153 -6.57 -21.37 -8.54
N LYS C 154 -5.80 -20.46 -7.97
CA LYS C 154 -6.34 -19.37 -7.13
C LYS C 154 -6.27 -18.02 -7.85
N LEU C 155 -7.44 -17.42 -8.10
CA LEU C 155 -7.52 -16.13 -8.77
C LEU C 155 -8.08 -15.05 -7.84
N PHE C 156 -7.45 -13.87 -7.85
CA PHE C 156 -7.89 -12.76 -7.02
C PHE C 156 -8.02 -11.53 -7.90
N VAL C 157 -9.22 -10.99 -7.96
CA VAL C 157 -9.50 -9.80 -8.75
C VAL C 157 -9.20 -8.62 -7.84
N ASP C 158 -8.12 -7.90 -8.16
CA ASP C 158 -7.68 -6.77 -7.38
C ASP C 158 -8.00 -5.42 -8.02
N THR C 159 -8.99 -4.75 -7.44
CA THR C 159 -9.42 -3.44 -7.89
C THR C 159 -9.33 -2.53 -6.66
N ASP C 160 -8.79 -1.34 -6.86
CA ASP C 160 -8.61 -0.36 -5.76
C ASP C 160 -9.93 -0.05 -5.03
N ALA C 161 -9.86 0.10 -3.72
CA ALA C 161 -11.04 0.40 -2.90
C ALA C 161 -11.75 1.58 -3.53
N ASP C 162 -10.94 2.43 -4.14
CA ASP C 162 -11.37 3.63 -4.86
C ASP C 162 -12.44 3.28 -5.88
N THR C 163 -11.97 2.65 -6.93
CA THR C 163 -12.80 2.23 -8.04
C THR C 163 -13.94 1.38 -7.50
N ARG C 164 -13.61 0.47 -6.60
CA ARG C 164 -14.61 -0.39 -6.04
C ARG C 164 -15.74 0.39 -5.42
N LEU C 165 -15.42 1.36 -4.56
CA LEU C 165 -16.47 2.14 -3.92
C LEU C 165 -17.29 2.88 -4.98
N SER C 166 -16.60 3.42 -5.98
CA SER C 166 -17.27 4.14 -7.04
C SER C 166 -18.35 3.28 -7.69
N ARG C 167 -18.00 2.03 -8.00
CA ARG C 167 -18.92 1.09 -8.62
C ARG C 167 -20.07 0.71 -7.67
N ARG C 168 -19.73 0.54 -6.40
CA ARG C 168 -20.73 0.17 -5.40
C ARG C 168 -21.86 1.19 -5.34
N VAL C 169 -21.48 2.47 -5.27
CA VAL C 169 -22.43 3.57 -5.19
C VAL C 169 -23.36 3.62 -6.42
N LEU C 170 -22.78 3.50 -7.61
CA LEU C 170 -23.55 3.53 -8.84
C LEU C 170 -24.57 2.38 -8.95
N ARG C 171 -24.11 1.15 -8.76
CA ARG C 171 -25.02 0.02 -8.85
C ARG C 171 -26.08 0.07 -7.76
N ASP C 172 -25.69 0.49 -6.56
CA ASP C 172 -26.63 0.57 -5.45
C ASP C 172 -27.81 1.53 -5.62
N ILE C 173 -27.56 2.78 -6.00
CA ILE C 173 -28.69 3.68 -6.17
C ILE C 173 -29.65 3.15 -7.24
N SER C 174 -29.09 2.84 -8.41
CA SER C 174 -29.86 2.33 -9.54
C SER C 174 -30.72 1.08 -9.29
N GLU C 175 -30.08 -0.05 -9.00
CA GLU C 175 -30.82 -1.28 -8.76
C GLU C 175 -31.30 -1.49 -7.33
N ARG C 176 -30.47 -1.12 -6.35
CA ARG C 176 -30.84 -1.29 -4.96
C ARG C 176 -31.75 -0.19 -4.41
N GLY C 177 -31.98 0.84 -5.22
CA GLY C 177 -32.82 1.95 -4.78
C GLY C 177 -32.45 2.61 -3.46
N ARG C 178 -31.26 2.32 -2.94
CA ARG C 178 -30.82 2.90 -1.67
C ARG C 178 -30.30 4.33 -1.88
N ASP C 179 -30.15 5.10 -0.80
CA ASP C 179 -29.64 6.46 -0.95
C ASP C 179 -28.16 6.55 -0.55
N LEU C 180 -27.50 7.60 -1.04
CA LEU C 180 -26.10 7.86 -0.81
C LEU C 180 -25.62 7.73 0.64
N GLU C 181 -26.26 8.45 1.56
CA GLU C 181 -25.86 8.41 2.97
C GLU C 181 -25.90 6.97 3.51
N GLN C 182 -26.86 6.18 3.05
CA GLN C 182 -26.98 4.79 3.50
C GLN C 182 -25.86 3.95 2.91
N ILE C 183 -25.68 4.05 1.60
CA ILE C 183 -24.64 3.30 0.92
C ILE C 183 -23.26 3.55 1.57
N LEU C 184 -22.86 4.81 1.61
CA LEU C 184 -21.58 5.21 2.17
C LEU C 184 -21.42 4.90 3.66
N SER C 185 -22.47 5.09 4.43
CA SER C 185 -22.39 4.82 5.85
C SER C 185 -22.21 3.31 6.12
N GLN C 186 -22.85 2.47 5.30
CA GLN C 186 -22.74 1.03 5.48
C GLN C 186 -21.35 0.61 5.04
N TYR C 187 -20.84 1.29 4.01
CA TYR C 187 -19.52 0.99 3.50
C TYR C 187 -18.44 1.27 4.54
N ILE C 188 -18.56 2.44 5.17
CA ILE C 188 -17.60 2.85 6.19
C ILE C 188 -17.66 1.96 7.40
N THR C 189 -18.87 1.72 7.92
CA THR C 189 -19.04 0.89 9.10
C THR C 189 -18.80 -0.61 8.93
N PHE C 190 -19.32 -1.20 7.85
CA PHE C 190 -19.17 -2.64 7.67
C PHE C 190 -18.31 -3.22 6.54
N VAL C 191 -18.46 -2.71 5.32
CA VAL C 191 -17.72 -3.24 4.19
C VAL C 191 -16.22 -3.08 4.28
N LYS C 192 -15.78 -1.83 4.36
CA LYS C 192 -14.37 -1.50 4.45
C LYS C 192 -13.61 -2.25 5.56
N PRO C 193 -14.10 -2.21 6.81
CA PRO C 193 -13.35 -2.94 7.86
C PRO C 193 -13.25 -4.43 7.54
N ALA C 194 -14.38 -5.03 7.19
CA ALA C 194 -14.40 -6.46 6.89
C ALA C 194 -13.56 -6.79 5.64
N PHE C 195 -13.56 -5.90 4.66
CA PHE C 195 -12.74 -6.16 3.48
C PHE C 195 -11.26 -6.12 3.85
N GLU C 196 -10.88 -5.15 4.67
CA GLU C 196 -9.48 -5.03 5.03
C GLU C 196 -9.00 -6.09 6.01
N GLU C 197 -9.84 -6.43 6.96
CA GLU C 197 -9.47 -7.41 7.95
C GLU C 197 -9.48 -8.86 7.44
N PHE C 198 -10.52 -9.22 6.68
CA PHE C 198 -10.63 -10.60 6.22
C PHE C 198 -10.38 -10.95 4.76
N CYS C 199 -10.82 -10.11 3.84
CA CYS C 199 -10.62 -10.42 2.42
C CYS C 199 -9.20 -10.10 1.95
N LEU C 200 -8.83 -8.82 1.97
CA LEU C 200 -7.52 -8.38 1.52
C LEU C 200 -6.35 -9.28 1.93
N PRO C 201 -6.26 -9.67 3.22
CA PRO C 201 -5.15 -10.53 3.65
C PRO C 201 -5.08 -11.88 2.94
N THR C 202 -6.17 -12.33 2.32
CA THR C 202 -6.16 -13.63 1.64
C THR C 202 -5.59 -13.52 0.23
N LYS C 203 -5.35 -12.30 -0.23
CA LYS C 203 -4.80 -12.12 -1.58
C LYS C 203 -3.46 -12.87 -1.77
N LYS C 204 -2.67 -12.95 -0.70
CA LYS C 204 -1.37 -13.60 -0.77
C LYS C 204 -1.43 -15.07 -1.17
N TYR C 205 -2.62 -15.66 -1.23
CA TYR C 205 -2.72 -17.07 -1.62
C TYR C 205 -3.04 -17.20 -3.12
N ALA C 206 -3.19 -16.09 -3.81
CA ALA C 206 -3.52 -16.14 -5.23
C ALA C 206 -2.34 -16.56 -6.07
N ASP C 207 -2.62 -17.37 -7.10
CA ASP C 207 -1.56 -17.81 -8.02
C ASP C 207 -1.44 -16.69 -9.06
N VAL C 208 -2.59 -16.12 -9.44
CA VAL C 208 -2.63 -15.04 -10.40
C VAL C 208 -3.56 -13.92 -9.93
N ILE C 209 -3.09 -12.69 -10.10
CA ILE C 209 -3.87 -11.53 -9.70
C ILE C 209 -4.37 -10.91 -10.98
N ILE C 210 -5.69 -10.69 -11.05
CA ILE C 210 -6.36 -10.09 -12.20
C ILE C 210 -6.81 -8.71 -11.78
N PRO C 211 -6.08 -7.67 -12.19
CA PRO C 211 -6.50 -6.33 -11.79
C PRO C 211 -7.71 -5.79 -12.54
N ARG C 212 -8.29 -4.74 -11.97
CA ARG C 212 -9.43 -4.03 -12.56
C ARG C 212 -10.75 -4.78 -12.69
N GLY C 213 -10.73 -5.98 -13.26
CA GLY C 213 -11.95 -6.73 -13.40
C GLY C 213 -12.32 -7.21 -14.80
N ALA C 214 -13.63 -7.35 -15.01
CA ALA C 214 -14.22 -7.83 -16.25
C ALA C 214 -13.81 -7.10 -17.51
N ASP C 215 -13.18 -5.94 -17.37
CA ASP C 215 -12.76 -5.21 -18.56
C ASP C 215 -11.32 -5.56 -18.89
N ASN C 216 -10.76 -6.47 -18.11
CA ASN C 216 -9.40 -6.91 -18.36
C ASN C 216 -9.51 -8.09 -19.32
N LEU C 217 -9.82 -7.80 -20.58
CA LEU C 217 -9.99 -8.85 -21.57
C LEU C 217 -8.79 -9.75 -21.74
N VAL C 218 -7.58 -9.16 -21.77
CA VAL C 218 -6.37 -9.95 -21.92
C VAL C 218 -6.31 -11.01 -20.81
N ALA C 219 -6.69 -10.62 -19.60
CA ALA C 219 -6.68 -11.56 -18.48
C ALA C 219 -7.83 -12.54 -18.67
N ILE C 220 -9.00 -12.02 -19.02
CA ILE C 220 -10.18 -12.86 -19.23
C ILE C 220 -9.89 -13.98 -20.23
N ASN C 221 -9.46 -13.60 -21.43
CA ASN C 221 -9.19 -14.57 -22.46
C ASN C 221 -8.08 -15.54 -22.06
N LEU C 222 -7.25 -15.13 -21.11
CA LEU C 222 -6.19 -16.00 -20.66
C LEU C 222 -6.78 -17.20 -19.92
N ILE C 223 -7.69 -16.93 -18.98
CA ILE C 223 -8.32 -18.01 -18.22
C ILE C 223 -9.23 -18.81 -19.15
N VAL C 224 -9.93 -18.11 -20.04
CA VAL C 224 -10.82 -18.73 -21.01
C VAL C 224 -10.08 -19.76 -21.89
N GLN C 225 -8.94 -19.36 -22.46
CA GLN C 225 -8.17 -20.26 -23.31
C GLN C 225 -7.58 -21.43 -22.52
N HIS C 226 -7.20 -21.16 -21.28
CA HIS C 226 -6.63 -22.20 -20.43
C HIS C 226 -7.69 -23.24 -20.11
N ILE C 227 -8.90 -22.78 -19.78
CA ILE C 227 -10.00 -23.68 -19.47
C ILE C 227 -10.30 -24.57 -20.68
N GLN C 228 -10.49 -23.96 -21.83
CA GLN C 228 -10.77 -24.71 -23.05
C GLN C 228 -9.77 -25.85 -23.23
N ASP C 229 -8.49 -25.59 -22.96
CA ASP C 229 -7.48 -26.63 -23.10
C ASP C 229 -7.87 -27.83 -22.24
N ILE C 230 -8.38 -27.55 -21.05
CA ILE C 230 -8.81 -28.59 -20.13
C ILE C 230 -9.96 -29.36 -20.75
N LEU C 231 -10.96 -28.61 -21.23
CA LEU C 231 -12.12 -29.21 -21.87
C LEU C 231 -11.72 -30.09 -23.04
N ASN C 232 -10.53 -29.86 -23.59
CA ASN C 232 -10.03 -30.68 -24.69
C ASN C 232 -8.99 -31.67 -24.17
N GLU D 21 -2.60 11.95 37.47
CA GLU D 21 -2.03 10.62 37.08
C GLU D 21 -0.98 10.78 36.00
N PRO D 22 -0.12 9.77 35.81
CA PRO D 22 0.94 9.83 34.80
C PRO D 22 0.40 9.85 33.37
N PHE D 23 1.08 10.56 32.48
CA PHE D 23 0.68 10.64 31.08
C PHE D 23 1.29 9.45 30.35
N LEU D 24 0.45 8.53 29.89
CA LEU D 24 0.93 7.35 29.19
C LEU D 24 0.94 7.49 27.67
N ILE D 25 2.12 7.39 27.08
CA ILE D 25 2.26 7.50 25.63
C ILE D 25 2.70 6.17 25.03
N GLY D 26 1.79 5.54 24.29
CA GLY D 26 2.09 4.29 23.63
C GLY D 26 2.79 4.54 22.30
N VAL D 27 3.90 3.84 22.09
CA VAL D 27 4.66 3.99 20.85
C VAL D 27 4.87 2.64 20.22
N SER D 28 4.55 2.52 18.93
CA SER D 28 4.74 1.25 18.26
C SER D 28 5.42 1.42 16.89
N GLY D 29 5.55 0.30 16.19
CA GLY D 29 6.20 0.24 14.88
C GLY D 29 6.91 -1.10 14.73
N GLY D 30 7.53 -1.32 13.57
CA GLY D 30 8.23 -2.57 13.36
C GLY D 30 9.59 -2.54 14.02
N THR D 31 10.26 -3.69 14.05
CA THR D 31 11.60 -3.73 14.64
C THR D 31 12.52 -2.86 13.76
N ALA D 32 13.45 -2.14 14.38
CA ALA D 32 14.38 -1.28 13.65
C ALA D 32 13.70 -0.18 12.85
N SER D 33 12.47 0.15 13.23
CA SER D 33 11.74 1.23 12.58
C SER D 33 12.19 2.53 13.25
N GLY D 34 12.77 2.40 14.45
CA GLY D 34 13.25 3.57 15.16
C GLY D 34 12.48 3.90 16.43
N LYS D 35 11.39 3.17 16.66
CA LYS D 35 10.56 3.40 17.84
C LYS D 35 11.41 3.43 19.11
N SER D 36 12.56 2.76 19.09
CA SER D 36 13.44 2.73 20.27
C SER D 36 14.35 3.95 20.37
N SER D 37 15.09 4.23 19.30
CA SER D 37 15.97 5.38 19.30
C SER D 37 15.14 6.65 19.44
N VAL D 38 13.91 6.64 18.92
CA VAL D 38 13.06 7.82 19.03
C VAL D 38 12.68 8.07 20.49
N CYS D 39 12.34 7.00 21.21
CA CYS D 39 12.00 7.14 22.62
C CYS D 39 13.27 7.48 23.41
N ALA D 40 14.38 6.83 23.08
CA ALA D 40 15.65 7.06 23.74
C ALA D 40 16.07 8.52 23.60
N LYS D 41 15.92 9.06 22.39
CA LYS D 41 16.30 10.44 22.12
C LYS D 41 15.32 11.44 22.74
N ILE D 42 14.06 11.04 22.88
CA ILE D 42 13.08 11.94 23.48
C ILE D 42 13.46 12.24 24.92
N VAL D 43 13.71 11.18 25.70
CA VAL D 43 14.08 11.36 27.11
C VAL D 43 15.44 12.05 27.25
N GLN D 44 16.34 11.80 26.30
CA GLN D 44 17.66 12.42 26.32
C GLN D 44 17.52 13.94 26.07
N LEU D 45 16.80 14.33 25.02
CA LEU D 45 16.61 15.75 24.73
C LEU D 45 15.90 16.46 25.88
N LEU D 46 15.22 15.68 26.71
CA LEU D 46 14.52 16.23 27.87
C LEU D 46 15.44 16.16 29.09
N GLY D 47 16.70 15.84 28.84
CA GLY D 47 17.70 15.75 29.90
C GLY D 47 17.42 14.74 30.99
N GLN D 48 16.66 13.69 30.66
CA GLN D 48 16.33 12.68 31.67
C GLN D 48 17.48 11.74 32.01
N ASN D 49 18.54 11.76 31.21
CA ASN D 49 19.67 10.89 31.50
C ASN D 49 20.53 11.50 32.60
N GLU D 50 20.46 12.81 32.75
CA GLU D 50 21.21 13.51 33.77
C GLU D 50 20.42 13.49 35.08
N VAL D 51 19.38 12.66 35.13
CA VAL D 51 18.51 12.53 36.30
C VAL D 51 18.57 11.13 36.90
N ASP D 52 18.72 11.06 38.22
CA ASP D 52 18.80 9.79 38.94
C ASP D 52 17.50 8.99 38.81
N TYR D 53 17.65 7.70 38.51
CA TYR D 53 16.52 6.79 38.33
C TYR D 53 15.48 6.87 39.44
N ARG D 54 15.82 7.58 40.51
CA ARG D 54 14.90 7.71 41.64
C ARG D 54 13.99 8.93 41.54
N GLN D 55 14.45 9.95 40.80
CA GLN D 55 13.67 11.19 40.64
C GLN D 55 13.13 11.42 39.23
N LYS D 56 13.56 10.59 38.27
CA LYS D 56 13.13 10.70 36.88
C LYS D 56 11.64 10.99 36.65
N GLN D 57 11.36 11.99 35.84
CA GLN D 57 9.99 12.40 35.50
C GLN D 57 9.47 11.66 34.28
N VAL D 58 10.37 11.36 33.35
CA VAL D 58 10.01 10.66 32.12
C VAL D 58 10.74 9.34 32.03
N VAL D 59 10.00 8.25 31.85
CA VAL D 59 10.59 6.92 31.75
C VAL D 59 10.15 6.13 30.54
N ILE D 60 11.05 5.27 30.08
CA ILE D 60 10.82 4.42 28.91
C ILE D 60 10.59 2.98 29.35
N LEU D 61 9.51 2.38 28.87
CA LEU D 61 9.19 1.02 29.22
C LEU D 61 9.13 0.23 27.91
N SER D 62 9.80 -0.91 27.87
CA SER D 62 9.80 -1.73 26.65
C SER D 62 8.94 -2.98 26.78
N GLN D 63 8.21 -3.28 25.72
CA GLN D 63 7.35 -4.47 25.70
C GLN D 63 8.24 -5.70 25.75
N ASP D 64 9.44 -5.59 25.17
CA ASP D 64 10.41 -6.69 25.17
C ASP D 64 10.64 -7.24 26.56
N SER D 65 10.50 -6.39 27.56
CA SER D 65 10.72 -6.80 28.94
C SER D 65 9.61 -7.69 29.46
N PHE D 66 8.46 -7.67 28.79
CA PHE D 66 7.34 -8.47 29.24
C PHE D 66 7.11 -9.77 28.49
N TYR D 67 8.20 -10.41 28.08
CA TYR D 67 8.10 -11.70 27.41
C TYR D 67 7.52 -12.76 28.36
N ARG D 68 6.65 -13.61 27.84
CA ARG D 68 6.03 -14.66 28.63
C ARG D 68 7.04 -15.69 29.13
N VAL D 69 6.88 -16.12 30.38
CA VAL D 69 7.75 -17.17 30.91
C VAL D 69 7.18 -18.38 30.17
N LEU D 70 7.95 -18.92 29.23
CA LEU D 70 7.50 -20.06 28.43
C LEU D 70 7.15 -21.33 29.19
N THR D 71 6.22 -22.10 28.64
CA THR D 71 5.82 -23.36 29.23
C THR D 71 6.72 -24.46 28.66
N SER D 72 6.57 -25.68 29.14
CA SER D 72 7.38 -26.80 28.66
C SER D 72 7.30 -26.95 27.14
N GLU D 73 6.07 -26.97 26.63
CA GLU D 73 5.81 -27.11 25.20
C GLU D 73 6.40 -25.96 24.37
N GLN D 74 6.26 -24.73 24.85
CA GLN D 74 6.77 -23.58 24.13
C GLN D 74 8.30 -23.60 24.01
N LYS D 75 9.00 -23.93 25.10
CA LYS D 75 10.46 -23.98 25.06
C LYS D 75 10.95 -25.12 24.18
N ALA D 76 10.07 -26.08 23.94
CA ALA D 76 10.41 -27.24 23.11
C ALA D 76 10.40 -26.80 21.65
N LYS D 77 9.58 -25.78 21.37
CA LYS D 77 9.48 -25.23 20.02
C LYS D 77 10.63 -24.24 19.82
N ALA D 78 11.01 -23.56 20.91
CA ALA D 78 12.09 -22.59 20.89
C ALA D 78 13.42 -23.32 20.80
N LEU D 79 13.48 -24.50 21.44
CA LEU D 79 14.68 -25.31 21.42
C LEU D 79 14.94 -25.63 19.95
N LYS D 80 13.93 -26.21 19.30
CA LYS D 80 14.03 -26.52 17.88
C LYS D 80 14.41 -25.22 17.17
N GLY D 81 13.77 -24.14 17.58
CA GLY D 81 14.05 -22.83 17.00
C GLY D 81 12.86 -22.26 16.28
N GLN D 82 11.74 -22.98 16.32
CA GLN D 82 10.51 -22.56 15.64
C GLN D 82 9.51 -21.79 16.51
N PHE D 83 9.97 -21.10 17.55
CA PHE D 83 9.07 -20.31 18.39
C PHE D 83 9.18 -18.84 18.02
N ASN D 84 8.12 -18.29 17.44
CA ASN D 84 8.12 -16.90 17.01
C ASN D 84 7.91 -15.92 18.16
N PHE D 85 8.96 -15.20 18.55
CA PHE D 85 8.84 -14.24 19.63
C PHE D 85 8.22 -12.91 19.19
N ASP D 86 7.82 -12.81 17.93
CA ASP D 86 7.17 -11.61 17.45
C ASP D 86 5.67 -11.83 17.42
N HIS D 87 5.26 -13.08 17.66
CA HIS D 87 3.84 -13.41 17.69
C HIS D 87 3.21 -12.80 18.95
N PRO D 88 1.94 -12.38 18.86
CA PRO D 88 1.32 -11.80 20.06
C PRO D 88 1.28 -12.75 21.27
N ASP D 89 1.43 -14.05 21.03
CA ASP D 89 1.41 -15.04 22.12
C ASP D 89 2.68 -15.01 22.97
N ALA D 90 3.78 -14.55 22.37
CA ALA D 90 5.04 -14.47 23.08
C ALA D 90 5.05 -13.41 24.18
N PHE D 91 4.04 -12.55 24.18
CA PHE D 91 3.96 -11.49 25.18
C PHE D 91 2.94 -11.73 26.29
N ASP D 92 3.33 -11.35 27.50
CA ASP D 92 2.49 -11.51 28.69
C ASP D 92 1.44 -10.40 28.73
N ASN D 93 0.49 -10.47 27.80
CA ASN D 93 -0.58 -9.49 27.69
C ASN D 93 -1.18 -9.06 29.02
N GLU D 94 -1.42 -10.02 29.91
CA GLU D 94 -2.03 -9.68 31.19
C GLU D 94 -1.07 -8.93 32.12
N LEU D 95 0.17 -9.39 32.21
CA LEU D 95 1.13 -8.72 33.08
C LEU D 95 1.31 -7.27 32.64
N ILE D 96 1.29 -7.06 31.33
CA ILE D 96 1.46 -5.73 30.77
C ILE D 96 0.28 -4.86 31.20
N LEU D 97 -0.93 -5.38 31.05
CA LEU D 97 -2.11 -4.61 31.44
C LEU D 97 -2.04 -4.28 32.92
N LYS D 98 -1.76 -5.30 33.73
CA LYS D 98 -1.64 -5.15 35.17
C LYS D 98 -0.64 -4.06 35.51
N THR D 99 0.58 -4.21 35.01
CA THR D 99 1.64 -3.25 35.25
C THR D 99 1.29 -1.83 34.85
N LEU D 100 0.67 -1.66 33.70
CA LEU D 100 0.31 -0.32 33.24
C LEU D 100 -0.76 0.30 34.13
N LYS D 101 -1.76 -0.50 34.52
CA LYS D 101 -2.82 0.01 35.38
C LYS D 101 -2.23 0.50 36.70
N GLU D 102 -1.33 -0.29 37.27
CA GLU D 102 -0.69 0.06 38.54
C GLU D 102 0.09 1.37 38.43
N ILE D 103 0.75 1.59 37.30
CA ILE D 103 1.50 2.83 37.11
C ILE D 103 0.53 4.00 36.98
N THR D 104 -0.67 3.73 36.48
CA THR D 104 -1.69 4.76 36.33
C THR D 104 -2.13 5.21 37.70
N GLU D 105 -2.35 4.24 38.58
CA GLU D 105 -2.76 4.52 39.95
C GLU D 105 -1.66 5.29 40.67
N GLY D 106 -0.55 5.52 40.00
CA GLY D 106 0.56 6.24 40.60
C GLY D 106 1.46 5.38 41.48
N LYS D 107 1.17 4.09 41.54
CA LYS D 107 1.98 3.16 42.34
C LYS D 107 3.33 2.95 41.70
N THR D 108 4.18 2.19 42.37
CA THR D 108 5.51 1.88 41.86
C THR D 108 5.39 0.47 41.28
N VAL D 109 6.10 0.22 40.18
CA VAL D 109 6.03 -1.09 39.54
C VAL D 109 7.38 -1.78 39.41
N GLN D 110 7.33 -3.09 39.22
CA GLN D 110 8.53 -3.90 39.10
C GLN D 110 8.63 -4.48 37.70
N ILE D 111 9.53 -3.93 36.89
CA ILE D 111 9.71 -4.41 35.53
C ILE D 111 10.70 -5.57 35.55
N PRO D 112 10.25 -6.75 35.10
CA PRO D 112 11.05 -7.97 35.05
C PRO D 112 12.20 -7.93 34.05
N VAL D 113 13.24 -8.70 34.34
CA VAL D 113 14.39 -8.78 33.45
C VAL D 113 14.37 -10.20 32.94
N TYR D 114 14.23 -10.34 31.63
CA TYR D 114 14.13 -11.65 30.99
C TYR D 114 15.43 -12.40 30.79
N ASP D 115 15.39 -13.68 31.15
CA ASP D 115 16.54 -14.58 31.00
C ASP D 115 16.27 -15.42 29.76
N PHE D 116 16.71 -14.93 28.62
CA PHE D 116 16.53 -15.65 27.37
C PHE D 116 17.11 -17.06 27.39
N VAL D 117 18.04 -17.33 28.29
CA VAL D 117 18.65 -18.65 28.35
C VAL D 117 17.64 -19.70 28.81
N SER D 118 17.02 -19.46 29.96
CA SER D 118 16.04 -20.40 30.52
C SER D 118 14.63 -20.08 30.04
N HIS D 119 14.44 -18.90 29.45
CA HIS D 119 13.14 -18.47 28.96
C HIS D 119 12.18 -18.25 30.12
N SER D 120 12.75 -17.70 31.20
CA SER D 120 12.04 -17.40 32.42
C SER D 120 12.53 -16.01 32.83
N ARG D 121 12.06 -15.51 33.96
CA ARG D 121 12.49 -14.19 34.41
C ARG D 121 13.49 -14.29 35.55
N LYS D 122 14.64 -13.63 35.39
CA LYS D 122 15.66 -13.63 36.43
C LYS D 122 15.03 -13.05 37.68
N GLU D 123 15.56 -13.39 38.84
CA GLU D 123 15.04 -12.86 40.09
C GLU D 123 15.21 -11.35 40.08
N GLU D 124 16.25 -10.89 39.38
CA GLU D 124 16.55 -9.47 39.27
C GLU D 124 15.48 -8.70 38.51
N THR D 125 14.88 -7.71 39.18
CA THR D 125 13.85 -6.89 38.56
C THR D 125 14.34 -5.45 38.40
N VAL D 126 13.52 -4.61 37.79
CA VAL D 126 13.85 -3.20 37.57
C VAL D 126 12.74 -2.36 38.22
N THR D 127 13.14 -1.44 39.09
CA THR D 127 12.17 -0.59 39.76
C THR D 127 11.92 0.69 38.97
N VAL D 128 10.65 1.03 38.79
CA VAL D 128 10.29 2.24 38.08
C VAL D 128 9.44 3.12 38.98
N TYR D 129 10.08 4.08 39.61
CA TYR D 129 9.38 4.98 40.50
C TYR D 129 8.33 5.77 39.72
N PRO D 130 7.18 6.06 40.35
CA PRO D 130 6.12 6.81 39.68
C PRO D 130 6.68 8.00 38.91
N ALA D 131 6.32 8.08 37.63
CA ALA D 131 6.78 9.15 36.77
C ALA D 131 5.63 10.00 36.26
N ASP D 132 5.97 11.17 35.73
CA ASP D 132 4.97 12.09 35.19
C ASP D 132 4.51 11.68 33.80
N VAL D 133 5.44 11.15 33.01
CA VAL D 133 5.14 10.71 31.65
C VAL D 133 5.78 9.35 31.44
N VAL D 134 5.04 8.42 30.84
CA VAL D 134 5.56 7.08 30.59
C VAL D 134 5.47 6.70 29.13
N LEU D 135 6.61 6.35 28.55
CA LEU D 135 6.68 5.94 27.17
C LEU D 135 6.78 4.42 27.12
N PHE D 136 5.71 3.78 26.66
CA PHE D 136 5.69 2.33 26.53
C PHE D 136 5.79 2.04 25.04
N GLU D 137 6.87 1.38 24.63
CA GLU D 137 7.05 1.06 23.24
C GLU D 137 7.24 -0.43 22.98
N GLY D 138 6.63 -0.90 21.90
CA GLY D 138 6.72 -2.30 21.52
C GLY D 138 6.04 -2.55 20.19
N ILE D 139 6.42 -3.63 19.52
CA ILE D 139 5.84 -3.98 18.22
C ILE D 139 4.36 -4.30 18.28
N LEU D 140 3.85 -4.63 19.46
CA LEU D 140 2.45 -4.96 19.58
C LEU D 140 1.79 -4.17 20.69
N ALA D 141 2.31 -2.96 20.92
CA ALA D 141 1.80 -2.07 21.94
C ALA D 141 0.31 -1.77 21.75
N PHE D 142 -0.11 -1.64 20.50
CA PHE D 142 -1.50 -1.32 20.22
C PHE D 142 -2.38 -2.55 19.97
N TYR D 143 -1.78 -3.74 19.98
CA TYR D 143 -2.50 -4.97 19.71
C TYR D 143 -3.68 -5.29 20.62
N SER D 144 -3.48 -5.20 21.93
CA SER D 144 -4.54 -5.46 22.90
C SER D 144 -5.39 -4.22 23.10
N GLN D 145 -6.72 -4.36 23.11
CA GLN D 145 -7.55 -3.17 23.29
C GLN D 145 -7.43 -2.56 24.69
N GLU D 146 -7.37 -3.38 25.73
CA GLU D 146 -7.25 -2.85 27.09
C GLU D 146 -5.92 -2.12 27.27
N VAL D 147 -4.85 -2.61 26.66
CA VAL D 147 -3.58 -1.94 26.78
C VAL D 147 -3.64 -0.61 26.01
N ARG D 148 -4.27 -0.67 24.85
CA ARG D 148 -4.41 0.49 23.98
C ARG D 148 -5.25 1.61 24.58
N ASP D 149 -6.25 1.26 25.40
CA ASP D 149 -7.12 2.26 25.99
C ASP D 149 -6.44 3.03 27.13
N LEU D 150 -5.34 2.49 27.63
CA LEU D 150 -4.60 3.12 28.72
C LEU D 150 -3.71 4.24 28.25
N PHE D 151 -3.35 4.22 26.97
CA PHE D 151 -2.48 5.26 26.42
C PHE D 151 -3.29 6.52 26.12
N GLN D 152 -2.74 7.68 26.44
CA GLN D 152 -3.43 8.94 26.19
C GLN D 152 -2.92 9.61 24.93
N MET D 153 -1.92 8.99 24.34
CA MET D 153 -1.35 9.44 23.09
C MET D 153 -0.76 8.20 22.42
N LYS D 154 -1.15 7.97 21.17
CA LYS D 154 -0.69 6.82 20.42
C LYS D 154 0.16 7.19 19.19
N LEU D 155 1.43 6.81 19.25
CA LEU D 155 2.38 7.09 18.17
C LEU D 155 2.87 5.83 17.44
N PHE D 156 2.84 5.86 16.11
CA PHE D 156 3.33 4.72 15.34
C PHE D 156 4.52 5.18 14.46
N VAL D 157 5.68 4.58 14.65
CA VAL D 157 6.85 4.94 13.85
C VAL D 157 6.83 4.12 12.56
N ASP D 158 6.44 4.79 11.48
CA ASP D 158 6.29 4.14 10.18
C ASP D 158 7.52 4.24 9.30
N THR D 159 8.09 3.08 9.03
CA THR D 159 9.29 2.96 8.21
C THR D 159 9.15 1.75 7.30
N ASP D 160 9.40 1.96 6.00
CA ASP D 160 9.32 0.88 5.00
C ASP D 160 10.05 -0.39 5.43
N ALA D 161 9.46 -1.55 5.16
CA ALA D 161 10.07 -2.83 5.52
C ALA D 161 11.42 -2.87 4.79
N ASP D 162 11.49 -2.08 3.74
CA ASP D 162 12.67 -1.92 2.91
C ASP D 162 13.82 -1.54 3.82
N THR D 163 13.75 -0.27 4.22
CA THR D 163 14.73 0.35 5.07
C THR D 163 14.96 -0.42 6.38
N ARG D 164 13.88 -0.81 7.04
CA ARG D 164 13.98 -1.56 8.28
C ARG D 164 14.87 -2.80 8.16
N LEU D 165 14.62 -3.62 7.14
CA LEU D 165 15.41 -4.83 6.95
C LEU D 165 16.89 -4.46 6.83
N SER D 166 17.15 -3.43 6.04
CA SER D 166 18.50 -2.91 5.82
C SER D 166 19.13 -2.51 7.16
N ARG D 167 18.35 -1.81 7.99
CA ARG D 167 18.88 -1.43 9.30
C ARG D 167 19.12 -2.68 10.14
N ARG D 168 18.17 -3.59 10.11
CA ARG D 168 18.24 -4.84 10.89
C ARG D 168 19.49 -5.65 10.60
N VAL D 169 19.80 -5.82 9.32
CA VAL D 169 20.97 -6.57 8.91
C VAL D 169 22.25 -5.93 9.40
N LEU D 170 22.45 -4.65 9.11
CA LEU D 170 23.64 -3.96 9.56
C LEU D 170 23.85 -4.07 11.07
N ARG D 171 22.77 -4.02 11.83
CA ARG D 171 22.88 -4.12 13.28
C ARG D 171 23.32 -5.52 13.70
N ASP D 172 22.52 -6.53 13.35
CA ASP D 172 22.81 -7.92 13.72
C ASP D 172 24.19 -8.45 13.33
N ILE D 173 24.62 -8.16 12.09
CA ILE D 173 25.92 -8.62 11.61
C ILE D 173 27.08 -7.85 12.23
N SER D 174 26.83 -6.62 12.66
CA SER D 174 27.87 -5.79 13.27
C SER D 174 27.40 -5.10 14.54
N GLY D 177 26.83 -10.06 16.20
CA GLY D 177 27.71 -10.89 15.41
C GLY D 177 27.01 -12.11 14.83
N ARG D 178 25.81 -11.90 14.31
CA ARG D 178 25.02 -12.98 13.71
C ARG D 178 25.40 -13.24 12.24
N ASP D 179 25.05 -14.42 11.75
CA ASP D 179 25.35 -14.83 10.38
C ASP D 179 24.31 -14.25 9.41
N LEU D 180 24.78 -13.75 8.27
CA LEU D 180 23.90 -13.14 7.27
C LEU D 180 22.73 -14.03 6.85
N GLU D 181 23.05 -15.27 6.48
CA GLU D 181 22.04 -16.24 6.04
C GLU D 181 20.99 -16.47 7.12
N GLN D 182 21.44 -16.59 8.36
CA GLN D 182 20.55 -16.82 9.49
C GLN D 182 19.61 -15.63 9.62
N ILE D 183 20.18 -14.43 9.62
CA ILE D 183 19.40 -13.21 9.76
C ILE D 183 18.28 -13.08 8.74
N LEU D 184 18.61 -13.24 7.46
CA LEU D 184 17.60 -13.11 6.41
C LEU D 184 16.61 -14.25 6.44
N SER D 185 17.05 -15.40 6.92
CA SER D 185 16.17 -16.55 7.01
C SER D 185 15.15 -16.41 8.16
N GLN D 186 15.59 -15.93 9.31
CA GLN D 186 14.66 -15.75 10.41
C GLN D 186 13.67 -14.66 10.02
N TYR D 187 14.19 -13.63 9.37
CA TYR D 187 13.38 -12.51 8.92
C TYR D 187 12.27 -12.94 7.99
N ILE D 188 12.63 -13.56 6.88
CA ILE D 188 11.66 -14.00 5.88
C ILE D 188 10.68 -15.03 6.42
N THR D 189 11.20 -15.94 7.23
CA THR D 189 10.39 -17.00 7.81
C THR D 189 9.48 -16.52 8.94
N PHE D 190 10.04 -15.75 9.89
CA PHE D 190 9.26 -15.31 11.05
C PHE D 190 8.87 -13.85 11.24
N VAL D 191 9.82 -12.94 11.09
CA VAL D 191 9.56 -11.51 11.30
C VAL D 191 8.57 -10.89 10.31
N LYS D 192 8.92 -10.91 9.02
CA LYS D 192 8.03 -10.35 8.01
C LYS D 192 6.58 -10.84 8.23
N PRO D 193 6.36 -12.16 8.27
CA PRO D 193 4.98 -12.63 8.47
C PRO D 193 4.28 -12.14 9.75
N ALA D 194 5.01 -12.09 10.86
CA ALA D 194 4.42 -11.64 12.11
C ALA D 194 4.16 -10.14 12.05
N PHE D 195 5.06 -9.41 11.41
CA PHE D 195 4.86 -7.96 11.33
C PHE D 195 3.62 -7.64 10.49
N GLU D 196 3.50 -8.32 9.37
CA GLU D 196 2.38 -8.06 8.48
C GLU D 196 1.04 -8.51 9.04
N GLU D 197 1.03 -9.54 9.86
CA GLU D 197 -0.23 -10.02 10.38
C GLU D 197 -0.74 -9.37 11.68
N PHE D 198 0.17 -8.98 12.57
CA PHE D 198 -0.27 -8.40 13.84
C PHE D 198 0.12 -6.94 14.12
N CYS D 199 1.34 -6.58 13.73
CA CYS D 199 1.83 -5.22 13.94
C CYS D 199 1.25 -4.19 12.97
N LEU D 200 1.52 -4.33 11.67
CA LEU D 200 1.03 -3.40 10.65
C LEU D 200 -0.45 -3.02 10.78
N PRO D 201 -1.33 -4.01 11.03
CA PRO D 201 -2.75 -3.68 11.16
C PRO D 201 -3.07 -2.71 12.31
N THR D 202 -2.20 -2.63 13.31
CA THR D 202 -2.45 -1.72 14.43
C THR D 202 -2.13 -0.27 14.08
N LYS D 203 -1.46 -0.05 12.94
CA LYS D 203 -1.12 1.33 12.58
C LYS D 203 -2.33 2.26 12.59
N LYS D 204 -3.52 1.72 12.31
CA LYS D 204 -4.76 2.52 12.31
C LYS D 204 -5.19 3.01 13.69
N TYR D 205 -4.51 2.59 14.75
CA TYR D 205 -4.89 3.06 16.07
C TYR D 205 -4.14 4.35 16.46
N ALA D 206 -3.02 4.60 15.79
CA ALA D 206 -2.18 5.75 16.06
C ALA D 206 -2.87 7.11 15.86
N ASP D 207 -2.59 8.03 16.77
CA ASP D 207 -3.15 9.37 16.68
C ASP D 207 -2.17 10.16 15.81
N VAL D 208 -0.89 9.80 15.92
CA VAL D 208 0.17 10.47 15.19
C VAL D 208 1.18 9.48 14.61
N ILE D 209 1.53 9.66 13.35
CA ILE D 209 2.50 8.79 12.70
C ILE D 209 3.80 9.52 12.45
N ILE D 210 4.89 8.95 12.96
CA ILE D 210 6.23 9.49 12.82
C ILE D 210 7.00 8.61 11.84
N PRO D 211 7.26 9.12 10.63
CA PRO D 211 8.00 8.31 9.67
C PRO D 211 9.54 8.34 9.87
N ARG D 212 10.22 7.38 9.24
CA ARG D 212 11.69 7.27 9.26
C ARG D 212 12.35 6.95 10.61
N GLY D 213 11.91 7.62 11.67
CA GLY D 213 12.47 7.34 12.98
C GLY D 213 13.39 8.39 13.55
N ALA D 214 14.33 7.92 14.35
CA ALA D 214 15.31 8.75 15.03
C ALA D 214 15.78 10.01 14.29
N ASP D 215 15.99 9.91 12.99
CA ASP D 215 16.45 11.06 12.24
C ASP D 215 15.40 12.15 11.98
N ASN D 216 14.13 11.85 12.25
CA ASN D 216 13.09 12.84 12.02
C ASN D 216 13.09 13.84 13.18
N LEU D 217 14.04 14.76 13.14
CA LEU D 217 14.17 15.76 14.21
C LEU D 217 12.93 16.61 14.44
N VAL D 218 12.32 17.13 13.38
CA VAL D 218 11.12 17.95 13.54
C VAL D 218 10.08 17.20 14.36
N ALA D 219 9.90 15.91 14.07
CA ALA D 219 8.93 15.09 14.78
C ALA D 219 9.32 14.89 16.23
N ILE D 220 10.54 14.43 16.47
CA ILE D 220 11.01 14.20 17.84
C ILE D 220 10.78 15.45 18.69
N ASN D 221 11.29 16.58 18.23
CA ASN D 221 11.15 17.81 18.99
C ASN D 221 9.69 18.20 19.27
N LEU D 222 8.80 17.94 18.31
CA LEU D 222 7.39 18.26 18.52
C LEU D 222 6.89 17.51 19.77
N ILE D 223 7.24 16.24 19.88
CA ILE D 223 6.82 15.43 21.02
C ILE D 223 7.58 15.78 22.31
N VAL D 224 8.86 16.11 22.21
CA VAL D 224 9.58 16.47 23.45
C VAL D 224 8.99 17.76 24.00
N GLN D 225 8.58 18.65 23.12
CA GLN D 225 8.00 19.92 23.56
C GLN D 225 6.64 19.69 24.21
N HIS D 226 5.88 18.75 23.68
CA HIS D 226 4.58 18.44 24.22
C HIS D 226 4.74 17.86 25.63
N ILE D 227 5.79 17.05 25.82
CA ILE D 227 6.06 16.45 27.12
C ILE D 227 6.53 17.55 28.08
N GLN D 228 7.41 18.42 27.60
CA GLN D 228 7.92 19.52 28.42
C GLN D 228 6.74 20.29 29.01
N ASP D 229 5.84 20.74 28.14
CA ASP D 229 4.68 21.50 28.60
C ASP D 229 3.96 20.74 29.71
N ILE D 230 3.82 19.43 29.53
CA ILE D 230 3.15 18.60 30.52
C ILE D 230 3.94 18.61 31.81
N LEU D 231 5.26 18.71 31.67
CA LEU D 231 6.16 18.73 32.82
C LEU D 231 6.15 20.04 33.58
N ASN D 232 5.34 21.00 33.13
CA ASN D 232 5.28 22.29 33.79
C ASN D 232 3.85 22.65 34.23
#